data_8XCB
#
_entry.id   8XCB
#
_cell.length_a   68.853
_cell.length_b   69.782
_cell.length_c   83.669
_cell.angle_alpha   90.00
_cell.angle_beta   89.97
_cell.angle_gamma   90.00
#
_symmetry.space_group_name_H-M   'P 1 21 1'
#
loop_
_entity.id
_entity.type
_entity.pdbx_description
1 polymer 'Cellular tumor antigen p53'
2 non-polymer 'ZINC ION'
3 non-polymer GLYCEROL
4 non-polymer '2-[2,4-bis(oxidanylidene)-1,3-thiazolidin-5-ylidene]ethanoic acid'
5 water water
#
_entity_poly.entity_id   1
_entity_poly.type   'polypeptide(L)'
_entity_poly.pdbx_seq_one_letter_code
;SSSVPSQKTYQGSYGFRLGFLHSGTAKSVTCTYSPALNKMFCQLAKTCPVQLWVDSTPPPGTRVRAMAIYKQSQHMTEVV
RRCPHHERCSDSDGLAPPQHLIRVEGNLRVEYLDDRNTFRHSVVVPYEPPEVGSDCTTIHYNYMCNSSCMGGMNRRPILT
IITLEDSSGNLLGRNSFEVRVCACPGRDRRTEEENLRKKG
;
_entity_poly.pdbx_strand_id   A,B,C,D
#
# COMPACT_ATOMS: atom_id res chain seq x y z
N VAL A 4 -2.67 4.79 10.91
CA VAL A 4 -2.62 6.28 11.05
C VAL A 4 -1.67 6.86 10.00
N PRO A 5 -2.10 7.88 9.22
CA PRO A 5 -1.20 8.60 8.33
C PRO A 5 -0.01 9.25 9.07
N SER A 6 1.18 9.21 8.48
CA SER A 6 2.42 9.84 9.01
C SER A 6 2.26 11.37 9.01
N GLN A 7 2.71 12.03 10.08
CA GLN A 7 2.78 13.51 10.18
C GLN A 7 4.24 13.97 10.25
N LYS A 8 5.19 13.06 10.01
CA LYS A 8 6.65 13.37 10.01
C LYS A 8 6.96 14.45 8.98
N THR A 9 7.53 15.57 9.44
CA THR A 9 8.02 16.68 8.57
C THR A 9 9.11 16.13 7.65
N TYR A 10 9.05 16.48 6.37
CA TYR A 10 9.96 15.98 5.32
C TYR A 10 10.11 17.07 4.25
N GLN A 11 11.23 17.79 4.26
CA GLN A 11 11.51 18.88 3.29
C GLN A 11 11.87 18.24 1.94
N GLY A 12 12.51 17.06 1.95
CA GLY A 12 12.83 16.27 0.76
C GLY A 12 13.79 17.00 -0.17
N SER A 13 13.85 16.55 -1.42
CA SER A 13 14.86 16.99 -2.43
C SER A 13 14.65 18.46 -2.82
N TYR A 14 13.41 18.95 -2.73
CA TYR A 14 12.96 20.24 -3.33
C TYR A 14 12.88 21.32 -2.26
N GLY A 15 13.20 21.01 -0.99
CA GLY A 15 13.23 21.98 0.13
C GLY A 15 11.84 22.48 0.44
N PHE A 16 10.89 21.55 0.59
CA PHE A 16 9.44 21.84 0.68
C PHE A 16 9.11 22.22 2.13
N ARG A 17 8.51 23.39 2.33
CA ARG A 17 7.92 23.78 3.64
C ARG A 17 6.68 24.64 3.39
N LEU A 18 5.93 24.93 4.45
CA LEU A 18 4.68 25.72 4.39
C LEU A 18 4.99 27.15 4.86
N GLY A 19 4.23 28.10 4.34
CA GLY A 19 4.17 29.48 4.85
C GLY A 19 2.73 29.91 5.04
N PHE A 20 2.51 30.93 5.85
CA PHE A 20 1.17 31.49 6.17
C PHE A 20 1.28 33.02 6.14
N LEU A 21 0.16 33.69 5.85
CA LEU A 21 0.06 35.17 5.93
C LEU A 21 0.31 35.59 7.38
N HIS A 22 1.00 36.72 7.57
CA HIS A 22 1.28 37.33 8.91
C HIS A 22 0.13 38.30 9.21
N SER A 23 -1.04 37.73 9.52
CA SER A 23 -2.36 38.42 9.49
C SER A 23 -2.67 39.14 10.82
N GLY A 24 -2.02 38.75 11.92
CA GLY A 24 -2.28 39.33 13.25
C GLY A 24 -3.61 38.87 13.80
N THR A 25 -4.07 39.49 14.91
CA THR A 25 -5.22 39.00 15.70
C THR A 25 -6.30 40.06 15.86
N ALA A 26 -6.38 41.05 14.96
CA ALA A 26 -7.52 42.00 14.91
C ALA A 26 -8.83 41.21 14.78
N LYS A 27 -9.91 41.72 15.37
CA LYS A 27 -11.28 41.09 15.38
C LYS A 27 -11.72 40.76 13.95
N SER A 28 -11.31 41.57 12.97
CA SER A 28 -11.78 41.51 11.56
C SER A 28 -11.17 40.32 10.80
N VAL A 29 -10.07 39.73 11.28
CA VAL A 29 -9.30 38.70 10.51
C VAL A 29 -10.19 37.46 10.33
N THR A 30 -10.22 36.92 9.11
CA THR A 30 -11.02 35.73 8.71
C THR A 30 -10.22 34.46 9.01
N CYS A 31 -8.88 34.58 9.04
N CYS A 31 -8.89 34.54 8.95
CA CYS A 31 -7.89 33.47 9.09
CA CYS A 31 -7.97 33.41 9.27
C CYS A 31 -6.58 34.02 9.69
C CYS A 31 -6.62 33.99 9.70
N THR A 32 -5.98 33.35 10.68
CA THR A 32 -4.70 33.79 11.27
C THR A 32 -3.93 32.60 11.83
N TYR A 33 -2.63 32.56 11.55
CA TYR A 33 -1.72 31.44 11.92
C TYR A 33 -0.86 31.86 13.11
N SER A 34 -0.80 31.02 14.13
CA SER A 34 0.09 31.14 15.31
C SER A 34 1.38 30.36 15.06
N PRO A 35 2.52 31.05 14.84
CA PRO A 35 3.82 30.39 14.81
C PRO A 35 4.17 29.62 16.10
N ALA A 36 3.89 30.21 17.27
CA ALA A 36 4.19 29.62 18.59
C ALA A 36 3.49 28.26 18.73
N LEU A 37 2.23 28.16 18.28
CA LEU A 37 1.38 26.95 18.45
C LEU A 37 1.41 26.09 17.18
N ASN A 38 2.03 26.57 16.10
CA ASN A 38 1.93 25.97 14.74
C ASN A 38 0.46 25.66 14.47
N LYS A 39 -0.40 26.67 14.62
CA LYS A 39 -1.87 26.49 14.62
C LYS A 39 -2.54 27.57 13.76
N MET A 40 -3.32 27.11 12.78
CA MET A 40 -4.20 27.97 11.94
CA MET A 40 -4.20 27.97 11.94
C MET A 40 -5.55 28.12 12.65
N PHE A 41 -5.99 29.37 12.84
CA PHE A 41 -7.34 29.72 13.33
C PHE A 41 -8.11 30.27 12.13
N CYS A 42 -9.23 29.67 11.75
CA CYS A 42 -9.98 30.05 10.53
C CYS A 42 -11.48 29.91 10.74
N GLN A 43 -12.28 30.57 9.89
CA GLN A 43 -13.76 30.55 9.93
C GLN A 43 -14.28 29.47 8.99
N LEU A 44 -15.43 28.89 9.36
CA LEU A 44 -16.19 27.91 8.54
C LEU A 44 -16.36 28.42 7.10
N ALA A 45 -15.89 27.64 6.13
CA ALA A 45 -16.14 27.83 4.67
C ALA A 45 -15.50 29.12 4.15
N LYS A 46 -14.57 29.74 4.90
CA LYS A 46 -13.88 30.99 4.47
C LYS A 46 -12.50 30.63 3.93
N THR A 47 -11.95 31.49 3.07
CA THR A 47 -10.62 31.31 2.45
C THR A 47 -9.57 31.13 3.55
N CYS A 48 -8.80 30.05 3.48
N CYS A 48 -8.83 30.03 3.51
CA CYS A 48 -7.65 29.74 4.37
CA CYS A 48 -7.64 29.73 4.35
C CYS A 48 -6.41 29.59 3.51
C CYS A 48 -6.42 29.59 3.46
N PRO A 49 -5.67 30.68 3.21
CA PRO A 49 -4.46 30.61 2.38
C PRO A 49 -3.38 29.76 3.05
N VAL A 50 -2.85 28.78 2.32
CA VAL A 50 -1.67 27.96 2.73
C VAL A 50 -0.63 28.10 1.62
N GLN A 51 0.59 28.49 1.99
CA GLN A 51 1.69 28.76 1.04
C GLN A 51 2.62 27.53 0.96
N LEU A 52 2.95 27.12 -0.25
CA LEU A 52 3.99 26.09 -0.54
C LEU A 52 5.28 26.84 -0.90
N TRP A 53 6.35 26.59 -0.15
CA TRP A 53 7.72 27.12 -0.43
C TRP A 53 8.63 25.95 -0.81
N VAL A 54 9.34 26.06 -1.93
CA VAL A 54 10.35 25.06 -2.41
C VAL A 54 11.64 25.81 -2.77
N ASP A 55 12.80 25.16 -2.61
CA ASP A 55 14.11 25.73 -3.02
C ASP A 55 14.34 25.44 -4.50
N SER A 56 13.69 24.41 -5.05
CA SER A 56 13.77 24.03 -6.49
C SER A 56 12.44 23.46 -6.97
N THR A 57 12.09 23.73 -8.23
CA THR A 57 10.79 23.39 -8.85
C THR A 57 10.62 21.87 -8.85
N PRO A 58 9.57 21.33 -8.20
CA PRO A 58 9.20 19.92 -8.36
C PRO A 58 8.94 19.57 -9.82
N PRO A 59 9.02 18.28 -10.20
CA PRO A 59 8.90 17.88 -11.61
C PRO A 59 7.46 17.98 -12.11
N PRO A 60 7.25 17.87 -13.45
CA PRO A 60 5.90 17.90 -14.02
C PRO A 60 5.00 16.82 -13.40
N GLY A 61 3.71 17.13 -13.21
CA GLY A 61 2.70 16.18 -12.71
C GLY A 61 2.73 16.03 -11.20
N THR A 62 3.59 16.79 -10.50
CA THR A 62 3.63 16.82 -9.01
C THR A 62 2.25 17.24 -8.51
N ARG A 63 1.82 16.68 -7.37
CA ARG A 63 0.47 16.91 -6.81
C ARG A 63 0.60 17.31 -5.33
N VAL A 64 -0.40 18.03 -4.84
CA VAL A 64 -0.43 18.59 -3.45
C VAL A 64 -1.71 18.09 -2.78
N ARG A 65 -1.55 17.25 -1.75
CA ARG A 65 -2.67 16.58 -1.04
C ARG A 65 -2.79 17.17 0.37
N ALA A 66 -4.03 17.37 0.82
CA ALA A 66 -4.40 17.84 2.17
C ALA A 66 -5.30 16.78 2.82
N MET A 67 -5.00 16.43 4.07
CA MET A 67 -5.73 15.40 4.86
C MET A 67 -5.73 15.84 6.33
N ALA A 68 -6.88 15.73 6.98
CA ALA A 68 -7.08 16.03 8.41
C ALA A 68 -6.99 14.72 9.21
N ILE A 69 -6.30 14.75 10.35
CA ILE A 69 -6.30 13.65 11.34
C ILE A 69 -6.55 14.28 12.72
N TYR A 70 -7.09 13.52 13.66
CA TYR A 70 -7.22 13.95 15.07
C TYR A 70 -5.81 13.98 15.67
N LYS A 71 -5.51 15.04 16.42
CA LYS A 71 -4.16 15.31 17.00
C LYS A 71 -3.88 14.37 18.18
N GLN A 72 -4.91 14.00 18.94
CA GLN A 72 -4.80 13.20 20.19
C GLN A 72 -4.72 11.70 19.83
N SER A 73 -3.76 10.99 20.45
CA SER A 73 -3.50 9.54 20.25
CA SER A 73 -3.50 9.54 20.25
C SER A 73 -4.80 8.73 20.32
N GLN A 74 -5.67 9.05 21.28
CA GLN A 74 -6.89 8.26 21.59
C GLN A 74 -7.97 8.43 20.52
N HIS A 75 -7.81 9.38 19.59
CA HIS A 75 -8.78 9.69 18.51
C HIS A 75 -8.16 9.47 17.12
N MET A 76 -6.87 9.14 17.04
CA MET A 76 -6.05 9.21 15.80
C MET A 76 -6.58 8.27 14.70
N THR A 77 -7.19 7.14 15.08
CA THR A 77 -7.66 6.09 14.13
C THR A 77 -9.05 6.44 13.60
N GLU A 78 -9.74 7.44 14.18
CA GLU A 78 -11.08 7.88 13.74
C GLU A 78 -10.93 8.82 12.54
N VAL A 79 -11.61 8.52 11.43
CA VAL A 79 -11.59 9.34 10.19
C VAL A 79 -12.23 10.70 10.52
N VAL A 80 -11.52 11.79 10.24
CA VAL A 80 -12.06 13.18 10.38
C VAL A 80 -13.04 13.41 9.24
N ARG A 81 -14.30 13.69 9.58
CA ARG A 81 -15.39 13.94 8.61
C ARG A 81 -16.34 14.99 9.19
N ARG A 82 -17.16 15.59 8.34
CA ARG A 82 -18.17 16.60 8.72
C ARG A 82 -19.22 15.93 9.62
N CYS A 83 -19.83 16.72 10.52
CA CYS A 83 -20.95 16.28 11.39
C CYS A 83 -22.14 15.95 10.50
N PRO A 84 -23.13 15.14 10.97
CA PRO A 84 -24.32 14.86 10.17
C PRO A 84 -24.97 16.11 9.59
N HIS A 85 -25.06 17.19 10.39
CA HIS A 85 -25.68 18.50 10.00
C HIS A 85 -25.00 19.07 8.75
N HIS A 86 -23.69 19.32 8.82
CA HIS A 86 -22.92 19.98 7.72
C HIS A 86 -22.86 19.07 6.49
N GLU A 87 -22.82 17.76 6.69
CA GLU A 87 -22.90 16.74 5.60
C GLU A 87 -24.20 16.93 4.81
N ARG A 88 -25.29 17.33 5.49
CA ARG A 88 -26.66 17.45 4.93
C ARG A 88 -26.92 18.85 4.37
N CYS A 89 -26.16 19.86 4.81
CA CYS A 89 -26.30 21.27 4.36
C CYS A 89 -26.19 21.34 2.83
N SER A 90 -26.93 22.28 2.21
CA SER A 90 -26.89 22.55 0.75
C SER A 90 -25.83 23.63 0.48
N ASP A 91 -24.56 23.33 0.81
CA ASP A 91 -23.39 24.22 0.67
C ASP A 91 -22.42 23.64 -0.37
N SER A 92 -22.89 22.72 -1.22
CA SER A 92 -22.08 22.02 -2.25
C SER A 92 -21.55 23.01 -3.29
N ASP A 93 -20.32 22.78 -3.76
CA ASP A 93 -19.67 23.56 -4.85
C ASP A 93 -19.66 22.73 -6.13
N GLY A 94 -20.29 21.55 -6.11
CA GLY A 94 -20.47 20.64 -7.27
C GLY A 94 -19.29 19.70 -7.45
N LEU A 95 -18.23 19.86 -6.64
CA LEU A 95 -16.94 19.12 -6.80
C LEU A 95 -16.66 18.26 -5.55
N ALA A 96 -16.70 18.86 -4.36
CA ALA A 96 -16.34 18.22 -3.07
C ALA A 96 -17.41 17.22 -2.66
N PRO A 97 -17.02 16.02 -2.18
CA PRO A 97 -17.97 15.13 -1.51
C PRO A 97 -18.55 15.79 -0.26
N PRO A 98 -19.85 15.61 0.02
CA PRO A 98 -20.49 16.28 1.16
C PRO A 98 -19.92 15.91 2.54
N GLN A 99 -19.22 14.78 2.69
CA GLN A 99 -18.66 14.32 3.99
C GLN A 99 -17.29 14.95 4.29
N HIS A 100 -16.63 15.49 3.26
CA HIS A 100 -15.22 15.98 3.32
C HIS A 100 -15.13 17.32 4.07
N LEU A 101 -14.28 17.38 5.09
CA LEU A 101 -13.99 18.60 5.89
C LEU A 101 -13.24 19.63 5.04
N ILE A 102 -12.21 19.20 4.31
CA ILE A 102 -11.27 20.11 3.60
C ILE A 102 -11.66 20.15 2.12
N ARG A 103 -11.95 21.36 1.63
CA ARG A 103 -12.12 21.65 0.19
C ARG A 103 -11.01 22.58 -0.29
N VAL A 104 -10.79 22.64 -1.59
CA VAL A 104 -10.00 23.71 -2.25
C VAL A 104 -11.00 24.56 -3.04
N GLU A 105 -10.95 25.88 -2.86
CA GLU A 105 -11.78 26.86 -3.61
C GLU A 105 -10.91 27.38 -4.78
N GLY A 106 -11.56 27.79 -5.88
CA GLY A 106 -10.94 28.47 -7.02
C GLY A 106 -9.94 27.59 -7.77
N ASN A 107 -10.20 26.29 -7.92
CA ASN A 107 -9.33 25.37 -8.70
C ASN A 107 -10.18 24.23 -9.30
N LEU A 108 -10.50 24.32 -10.60
CA LEU A 108 -11.36 23.34 -11.33
C LEU A 108 -10.65 21.99 -11.48
N ARG A 109 -9.34 21.91 -11.23
CA ARG A 109 -8.53 20.67 -11.42
C ARG A 109 -8.44 19.90 -10.10
N VAL A 110 -9.18 20.33 -9.08
CA VAL A 110 -9.20 19.70 -7.72
C VAL A 110 -9.73 18.27 -7.84
N GLU A 111 -9.16 17.34 -7.06
CA GLU A 111 -9.60 15.92 -7.03
C GLU A 111 -9.81 15.52 -5.57
N TYR A 112 -10.88 14.78 -5.28
CA TYR A 112 -11.25 14.30 -3.93
C TYR A 112 -11.16 12.77 -3.89
N LEU A 113 -10.60 12.23 -2.79
CA LEU A 113 -10.39 10.78 -2.60
C LEU A 113 -11.04 10.32 -1.30
N ASP A 114 -11.83 9.26 -1.38
CA ASP A 114 -12.20 8.36 -0.26
C ASP A 114 -11.28 7.13 -0.35
N ASP A 115 -10.28 7.01 0.52
CA ASP A 115 -9.26 5.93 0.42
C ASP A 115 -9.98 4.57 0.54
N ARG A 116 -9.71 3.65 -0.39
CA ARG A 116 -10.45 2.36 -0.49
C ARG A 116 -10.08 1.44 0.68
N ASN A 117 -8.92 1.64 1.30
CA ASN A 117 -8.41 0.78 2.41
C ASN A 117 -8.60 1.46 3.77
N THR A 118 -8.27 2.75 3.89
CA THR A 118 -8.23 3.50 5.18
C THR A 118 -9.54 4.29 5.41
N PHE A 119 -10.32 4.55 4.37
CA PHE A 119 -11.59 5.33 4.37
C PHE A 119 -11.31 6.80 4.67
N ARG A 120 -10.04 7.20 4.63
CA ARG A 120 -9.59 8.60 4.89
C ARG A 120 -9.97 9.47 3.70
N HIS A 121 -10.41 10.70 4.00
CA HIS A 121 -10.73 11.75 3.01
C HIS A 121 -9.46 12.55 2.72
N SER A 122 -9.23 12.92 1.47
CA SER A 122 -8.17 13.88 1.10
C SER A 122 -8.60 14.65 -0.14
N VAL A 123 -7.98 15.80 -0.34
CA VAL A 123 -8.22 16.69 -1.51
C VAL A 123 -6.84 16.99 -2.11
N VAL A 124 -6.74 16.89 -3.42
CA VAL A 124 -5.43 16.99 -4.12
C VAL A 124 -5.61 17.90 -5.33
N VAL A 125 -4.62 18.76 -5.57
CA VAL A 125 -4.56 19.67 -6.74
C VAL A 125 -3.21 19.47 -7.42
N PRO A 126 -3.11 19.76 -8.73
CA PRO A 126 -1.81 19.81 -9.41
C PRO A 126 -0.93 20.88 -8.74
N TYR A 127 0.34 20.57 -8.50
CA TYR A 127 1.33 21.57 -8.04
C TYR A 127 1.57 22.56 -9.17
N GLU A 128 1.42 23.85 -8.89
CA GLU A 128 1.77 24.98 -9.80
C GLU A 128 2.96 25.71 -9.20
N PRO A 129 3.99 26.08 -10.00
CA PRO A 129 5.06 26.93 -9.50
C PRO A 129 4.47 28.29 -9.11
N PRO A 130 5.18 29.10 -8.31
CA PRO A 130 4.74 30.47 -8.01
C PRO A 130 4.51 31.28 -9.29
N GLU A 131 3.52 32.17 -9.27
CA GLU A 131 3.34 33.22 -10.30
C GLU A 131 4.66 33.98 -10.41
N VAL A 132 5.01 34.43 -11.62
CA VAL A 132 6.35 35.02 -11.94
C VAL A 132 6.55 36.27 -11.07
N GLY A 133 7.63 36.31 -10.29
CA GLY A 133 7.97 37.40 -9.36
C GLY A 133 7.49 37.12 -7.93
N SER A 134 6.85 35.98 -7.69
CA SER A 134 6.40 35.52 -6.35
C SER A 134 7.28 34.35 -5.89
N ASP A 135 7.38 34.14 -4.58
CA ASP A 135 8.34 33.18 -3.96
C ASP A 135 7.62 31.95 -3.42
N CYS A 136 6.29 31.87 -3.52
CA CYS A 136 5.51 30.70 -3.03
C CYS A 136 4.24 30.46 -3.85
N THR A 137 3.70 29.25 -3.76
CA THR A 137 2.40 28.85 -4.35
C THR A 137 1.36 28.89 -3.24
N THR A 138 0.26 29.62 -3.44
CA THR A 138 -0.86 29.73 -2.47
C THR A 138 -1.99 28.80 -2.92
N ILE A 139 -2.47 27.97 -1.99
CA ILE A 139 -3.71 27.17 -2.16
C ILE A 139 -4.74 27.75 -1.19
N HIS A 140 -5.97 27.95 -1.66
CA HIS A 140 -7.11 28.43 -0.85
C HIS A 140 -7.92 27.22 -0.36
N TYR A 141 -7.70 26.83 0.89
CA TYR A 141 -8.47 25.76 1.56
C TYR A 141 -9.71 26.37 2.21
N ASN A 142 -10.77 25.57 2.28
CA ASN A 142 -12.02 25.86 3.03
C ASN A 142 -12.25 24.70 4.00
N TYR A 143 -12.45 24.99 5.29
CA TYR A 143 -12.83 23.99 6.31
C TYR A 143 -14.34 24.10 6.53
N MET A 144 -15.05 22.99 6.32
CA MET A 144 -16.53 22.99 6.09
C MET A 144 -17.29 22.51 7.33
N CYS A 145 -16.59 22.35 8.46
CA CYS A 145 -17.17 22.09 9.81
C CYS A 145 -16.40 22.92 10.85
N ASN A 146 -17.08 23.33 11.92
CA ASN A 146 -16.48 24.04 13.08
C ASN A 146 -15.89 23.02 14.04
N SER A 147 -14.83 23.39 14.75
CA SER A 147 -14.16 22.53 15.78
C SER A 147 -15.19 22.10 16.84
N SER A 148 -16.20 22.94 17.10
CA SER A 148 -17.20 22.76 18.20
C SER A 148 -18.42 21.94 17.75
N CYS A 149 -18.51 21.53 16.47
CA CYS A 149 -19.63 20.71 15.93
C CYS A 149 -19.80 19.39 16.68
N MET A 150 -20.97 19.14 17.30
CA MET A 150 -21.32 17.80 17.86
C MET A 150 -21.66 16.87 16.70
N GLY A 151 -21.24 15.60 16.81
CA GLY A 151 -21.41 14.58 15.75
C GLY A 151 -20.23 14.55 14.81
N GLY A 152 -19.37 15.58 14.86
CA GLY A 152 -18.17 15.70 14.03
C GLY A 152 -16.90 15.70 14.88
N MET A 153 -16.11 16.76 14.77
CA MET A 153 -14.84 16.93 15.52
C MET A 153 -15.14 17.10 17.02
N ASN A 154 -16.23 17.80 17.36
CA ASN A 154 -16.77 17.87 18.74
C ASN A 154 -15.67 18.35 19.70
N ARG A 155 -14.96 19.41 19.31
CA ARG A 155 -13.94 20.16 20.12
C ARG A 155 -12.60 19.42 20.14
N ARG A 156 -12.47 18.27 19.47
CA ARG A 156 -11.18 17.54 19.40
C ARG A 156 -10.27 18.27 18.41
N PRO A 157 -9.03 18.62 18.79
CA PRO A 157 -8.10 19.28 17.87
C PRO A 157 -7.71 18.34 16.73
N ILE A 158 -7.55 18.90 15.53
CA ILE A 158 -7.11 18.16 14.30
C ILE A 158 -5.78 18.76 13.83
N LEU A 159 -5.02 17.97 13.06
CA LEU A 159 -3.87 18.44 12.25
C LEU A 159 -4.29 18.35 10.79
N THR A 160 -3.88 19.31 9.97
CA THR A 160 -3.87 19.16 8.49
C THR A 160 -2.45 18.76 8.07
N ILE A 161 -2.34 17.67 7.31
CA ILE A 161 -1.07 17.14 6.73
C ILE A 161 -1.05 17.51 5.24
N ILE A 162 -0.08 18.32 4.83
CA ILE A 162 0.13 18.69 3.39
C ILE A 162 1.29 17.83 2.88
N THR A 163 1.03 17.04 1.83
CA THR A 163 2.03 16.16 1.19
C THR A 163 2.22 16.62 -0.26
N LEU A 164 3.47 16.78 -0.65
CA LEU A 164 3.92 16.86 -2.07
C LEU A 164 4.15 15.41 -2.54
N GLU A 165 3.49 15.00 -3.62
CA GLU A 165 3.69 13.66 -4.24
C GLU A 165 3.95 13.83 -5.74
N ASP A 166 4.69 12.89 -6.31
CA ASP A 166 4.93 12.82 -7.78
C ASP A 166 3.65 12.27 -8.42
N SER A 167 3.61 12.20 -9.76
CA SER A 167 2.41 11.78 -10.54
C SER A 167 2.01 10.34 -10.19
N SER A 168 2.90 9.54 -9.60
CA SER A 168 2.63 8.12 -9.24
C SER A 168 2.18 8.00 -7.77
N GLY A 169 2.23 9.09 -7.01
CA GLY A 169 1.82 9.12 -5.58
C GLY A 169 2.99 8.93 -4.63
N ASN A 170 4.23 8.87 -5.15
CA ASN A 170 5.46 8.74 -4.32
C ASN A 170 5.64 10.04 -3.52
N LEU A 171 6.01 9.90 -2.24
CA LEU A 171 6.19 11.04 -1.29
C LEU A 171 7.41 11.88 -1.73
N LEU A 172 7.21 13.18 -1.95
CA LEU A 172 8.31 14.16 -2.24
C LEU A 172 8.56 15.06 -1.03
N GLY A 173 7.56 15.27 -0.17
CA GLY A 173 7.63 16.23 0.93
C GLY A 173 6.37 16.21 1.77
N ARG A 174 6.50 16.57 3.05
CA ARG A 174 5.35 16.59 3.99
C ARG A 174 5.57 17.66 5.05
N ASN A 175 4.49 18.35 5.40
N ASN A 175 4.50 18.37 5.41
CA ASN A 175 4.41 19.31 6.54
CA ASN A 175 4.44 19.26 6.59
C ASN A 175 3.00 19.22 7.14
C ASN A 175 3.02 19.22 7.14
N SER A 176 2.81 19.82 8.31
CA SER A 176 1.53 19.76 9.05
C SER A 176 1.36 20.99 9.93
N PHE A 177 0.12 21.31 10.25
CA PHE A 177 -0.25 22.39 11.20
C PHE A 177 -1.56 21.98 11.90
N GLU A 178 -1.70 22.37 13.16
CA GLU A 178 -2.97 22.26 13.90
C GLU A 178 -3.96 23.25 13.28
N VAL A 179 -5.25 22.93 13.33
CA VAL A 179 -6.33 23.84 12.84
C VAL A 179 -7.45 23.89 13.88
N ARG A 180 -7.85 25.10 14.25
CA ARG A 180 -9.13 25.38 14.94
C ARG A 180 -10.00 26.17 13.97
N VAL A 181 -11.16 25.61 13.62
CA VAL A 181 -12.23 26.29 12.84
C VAL A 181 -13.17 26.92 13.88
N CYS A 182 -13.26 28.25 13.91
CA CYS A 182 -13.97 29.02 14.96
C CYS A 182 -14.50 30.33 14.39
N ALA A 183 -15.36 31.01 15.16
CA ALA A 183 -16.13 32.20 14.74
C ALA A 183 -15.23 33.44 14.74
N CYS A 184 -14.29 33.53 15.68
CA CYS A 184 -13.39 34.72 15.84
C CYS A 184 -11.94 34.25 15.95
N PRO A 185 -11.29 33.88 14.82
CA PRO A 185 -9.91 33.43 14.82
C PRO A 185 -8.95 34.37 15.57
N GLY A 186 -9.09 35.69 15.31
CA GLY A 186 -8.27 36.75 15.93
C GLY A 186 -8.28 36.66 17.45
N ARG A 187 -9.48 36.76 18.04
CA ARG A 187 -9.69 36.69 19.51
C ARG A 187 -9.22 35.32 20.03
N ASP A 188 -9.56 34.24 19.34
CA ASP A 188 -9.26 32.84 19.80
C ASP A 188 -7.74 32.65 19.81
N ARG A 189 -7.03 33.12 18.78
CA ARG A 189 -5.55 32.99 18.71
C ARG A 189 -4.93 33.76 19.88
N ARG A 190 -5.34 35.02 20.07
CA ARG A 190 -4.77 35.90 21.11
C ARG A 190 -4.99 35.25 22.49
N THR A 191 -6.19 34.74 22.74
CA THR A 191 -6.58 34.05 24.00
C THR A 191 -5.71 32.81 24.21
N GLU A 192 -5.44 32.03 23.16
CA GLU A 192 -4.68 30.75 23.27
C GLU A 192 -3.19 31.04 23.51
N GLU A 193 -2.67 32.15 22.98
CA GLU A 193 -1.23 32.55 23.13
C GLU A 193 -1.02 33.22 24.50
N GLU A 194 -2.07 33.74 25.12
CA GLU A 194 -2.06 34.33 26.50
C GLU A 194 -1.58 33.26 27.49
N ASN A 195 -2.00 32.01 27.30
CA ASN A 195 -1.73 30.87 28.22
C ASN A 195 -0.27 30.42 28.13
N LEU A 196 0.52 31.00 27.20
CA LEU A 196 1.96 30.69 27.02
C LEU A 196 2.79 31.48 28.04
N SER B 3 29.53 -9.04 -18.57
CA SER B 3 30.73 -8.25 -18.97
C SER B 3 30.58 -6.80 -18.51
N VAL B 4 31.64 -5.99 -18.67
CA VAL B 4 31.68 -4.54 -18.30
C VAL B 4 32.38 -3.78 -19.42
N PRO B 5 31.72 -2.77 -20.05
CA PRO B 5 32.38 -1.94 -21.05
C PRO B 5 33.59 -1.22 -20.43
N SER B 6 34.70 -1.16 -21.17
CA SER B 6 35.94 -0.46 -20.75
C SER B 6 35.62 1.03 -20.48
N GLN B 7 36.18 1.58 -19.41
CA GLN B 7 36.13 3.02 -19.07
C GLN B 7 37.54 3.62 -19.19
N LYS B 8 38.49 2.89 -19.79
CA LYS B 8 39.92 3.31 -19.88
C LYS B 8 40.02 4.51 -20.81
N THR B 9 40.54 5.63 -20.31
CA THR B 9 40.82 6.87 -21.08
C THR B 9 41.78 6.52 -22.22
N TYR B 10 41.44 6.96 -23.43
CA TYR B 10 42.19 6.72 -24.68
C TYR B 10 42.02 7.95 -25.57
N GLN B 11 43.05 8.82 -25.64
CA GLN B 11 42.99 10.06 -26.47
C GLN B 11 43.13 9.68 -27.95
N GLY B 12 43.90 8.63 -28.25
CA GLY B 12 44.03 8.02 -29.59
C GLY B 12 44.56 8.99 -30.64
N SER B 13 44.29 8.67 -31.91
CA SER B 13 44.86 9.30 -33.12
C SER B 13 44.52 10.80 -33.19
N TYR B 14 43.34 11.20 -32.71
CA TYR B 14 42.79 12.56 -32.93
C TYR B 14 42.94 13.44 -31.68
N GLY B 15 43.64 12.94 -30.65
CA GLY B 15 43.90 13.66 -29.39
C GLY B 15 42.59 14.02 -28.70
N PHE B 16 41.72 13.02 -28.53
CA PHE B 16 40.32 13.19 -28.03
C PHE B 16 40.33 13.43 -26.52
N ARG B 17 39.80 14.58 -26.10
CA ARG B 17 39.54 14.94 -24.68
C ARG B 17 38.13 15.49 -24.56
N LEU B 18 37.57 15.46 -23.34
CA LEU B 18 36.29 16.10 -22.99
C LEU B 18 36.58 17.45 -22.35
N GLY B 19 35.68 18.41 -22.59
CA GLY B 19 35.63 19.71 -21.91
C GLY B 19 34.23 19.99 -21.42
N PHE B 20 34.10 20.91 -20.47
CA PHE B 20 32.80 21.31 -19.86
C PHE B 20 32.85 22.83 -19.70
N LEU B 21 31.69 23.49 -19.85
CA LEU B 21 31.55 24.95 -19.61
C LEU B 21 32.00 25.22 -18.16
N HIS B 22 32.70 26.34 -17.94
CA HIS B 22 33.04 26.85 -16.58
C HIS B 22 31.82 27.58 -16.02
N SER B 23 30.79 26.83 -15.61
CA SER B 23 29.40 27.31 -15.36
C SER B 23 29.25 27.87 -13.93
N GLY B 24 30.14 27.51 -13.01
CA GLY B 24 30.04 27.89 -11.59
C GLY B 24 28.88 27.15 -10.92
N THR B 25 28.48 27.60 -9.73
CA THR B 25 27.56 26.84 -8.84
C THR B 25 26.43 27.73 -8.30
N ALA B 26 26.03 28.78 -9.04
CA ALA B 26 24.84 29.60 -8.71
C ALA B 26 23.59 28.71 -8.74
N LYS B 27 22.58 29.02 -7.93
CA LYS B 27 21.36 28.18 -7.76
C LYS B 27 20.68 27.94 -9.12
N SER B 28 20.80 28.89 -10.06
CA SER B 28 20.14 28.85 -11.39
C SER B 28 20.82 27.86 -12.36
N VAL B 29 22.04 27.37 -12.08
CA VAL B 29 22.79 26.50 -13.04
C VAL B 29 22.11 25.12 -13.11
N THR B 30 21.88 24.65 -14.34
CA THR B 30 21.20 23.36 -14.65
C THR B 30 22.24 22.25 -14.81
N CYS B 31 23.51 22.60 -15.05
CA CYS B 31 24.63 21.65 -15.32
C CYS B 31 25.94 22.32 -14.92
N THR B 32 26.69 21.72 -14.00
CA THR B 32 28.00 22.25 -13.54
C THR B 32 28.97 21.09 -13.31
N TYR B 33 30.18 21.24 -13.84
CA TYR B 33 31.25 20.23 -13.79
C TYR B 33 32.30 20.64 -12.76
N SER B 34 32.70 19.68 -11.92
CA SER B 34 33.81 19.78 -10.93
C SER B 34 35.08 19.23 -11.56
N PRO B 35 36.07 20.08 -11.95
CA PRO B 35 37.37 19.60 -12.39
C PRO B 35 38.06 18.73 -11.31
N ALA B 36 37.91 19.09 -10.03
CA ALA B 36 38.57 18.42 -8.89
C ALA B 36 38.04 16.98 -8.74
N LEU B 37 36.76 16.77 -8.98
CA LEU B 37 36.11 15.42 -8.83
C LEU B 37 35.94 14.73 -10.19
N ASN B 38 36.18 15.43 -11.31
CA ASN B 38 35.83 14.95 -12.68
C ASN B 38 34.39 14.43 -12.63
N LYS B 39 33.47 15.29 -12.19
CA LYS B 39 32.08 14.89 -11.89
C LYS B 39 31.14 15.99 -12.35
N MET B 40 30.15 15.62 -13.18
CA MET B 40 29.07 16.52 -13.65
C MET B 40 27.91 16.42 -12.67
N PHE B 41 27.41 17.57 -12.22
CA PHE B 41 26.16 17.70 -11.45
C PHE B 41 25.14 18.38 -12.37
N CYS B 42 23.99 17.74 -12.58
CA CYS B 42 22.95 18.28 -13.49
C CYS B 42 21.54 17.99 -12.97
N GLN B 43 20.58 18.73 -13.52
CA GLN B 43 19.14 18.61 -13.21
C GLN B 43 18.50 17.63 -14.19
N LEU B 44 17.54 16.84 -13.70
CA LEU B 44 16.65 15.97 -14.49
C LEU B 44 16.20 16.68 -15.77
N ALA B 45 16.46 16.07 -16.92
CA ALA B 45 15.89 16.41 -18.24
C ALA B 45 16.34 17.80 -18.73
N LYS B 46 17.38 18.38 -18.13
CA LYS B 46 17.91 19.73 -18.49
C LYS B 46 19.15 19.58 -19.39
N THR B 47 19.47 20.63 -20.14
CA THR B 47 20.60 20.67 -21.11
C THR B 47 21.91 20.47 -20.36
N CYS B 48 22.69 19.46 -20.76
CA CYS B 48 24.06 19.18 -20.27
C CYS B 48 25.05 19.27 -21.42
N PRO B 49 25.71 20.43 -21.63
CA PRO B 49 26.75 20.54 -22.65
C PRO B 49 27.98 19.69 -22.30
N VAL B 50 28.36 18.78 -23.19
CA VAL B 50 29.64 18.03 -23.12
C VAL B 50 30.44 18.41 -24.35
N GLN B 51 31.66 18.92 -24.17
CA GLN B 51 32.53 19.41 -25.26
C GLN B 51 33.47 18.29 -25.72
N LEU B 52 33.65 18.14 -27.03
CA LEU B 52 34.61 17.21 -27.66
C LEU B 52 35.79 18.03 -28.19
N TRP B 53 36.99 17.82 -27.63
CA TRP B 53 38.24 18.49 -28.05
C TRP B 53 39.12 17.49 -28.79
N VAL B 54 39.61 17.86 -29.97
CA VAL B 54 40.49 17.01 -30.83
C VAL B 54 41.68 17.85 -31.31
N ASP B 55 42.85 17.21 -31.44
CA ASP B 55 44.09 17.82 -32.00
C ASP B 55 44.00 17.85 -33.53
N SER B 56 43.24 16.92 -34.12
CA SER B 56 43.01 16.84 -35.58
C SER B 56 41.58 16.36 -35.86
N THR B 57 40.99 16.84 -36.97
CA THR B 57 39.56 16.63 -37.32
C THR B 57 39.36 15.17 -37.73
N PRO B 58 38.51 14.39 -37.01
CA PRO B 58 38.16 13.03 -37.44
C PRO B 58 37.47 13.09 -38.80
N PRO B 59 37.59 12.04 -39.64
CA PRO B 59 37.01 12.06 -40.98
C PRO B 59 35.48 12.09 -40.96
N PRO B 60 34.84 12.35 -42.12
CA PRO B 60 33.38 12.29 -42.23
C PRO B 60 32.85 10.89 -41.87
N GLY B 61 31.69 10.82 -41.23
CA GLY B 61 31.04 9.55 -40.82
C GLY B 61 31.46 9.11 -39.42
N THR B 62 32.35 9.86 -38.76
CA THR B 62 32.75 9.63 -37.35
C THR B 62 31.52 9.80 -36.47
N ARG B 63 31.40 8.97 -35.43
CA ARG B 63 30.21 8.94 -34.53
C ARG B 63 30.66 9.09 -33.08
N VAL B 64 29.78 9.61 -32.23
CA VAL B 64 30.05 9.89 -30.79
C VAL B 64 28.97 9.19 -29.96
N ARG B 65 29.38 8.25 -29.11
CA ARG B 65 28.48 7.38 -28.32
C ARG B 65 28.61 7.75 -26.83
N ALA B 66 27.48 7.82 -26.13
CA ALA B 66 27.43 8.00 -24.65
C ALA B 66 26.74 6.79 -24.02
N MET B 67 27.32 6.26 -22.94
CA MET B 67 26.78 5.09 -22.19
C MET B 67 27.04 5.32 -20.69
N ALA B 68 26.03 5.04 -19.85
CA ALA B 68 26.14 5.10 -18.38
C ALA B 68 26.51 3.70 -17.86
N ILE B 69 27.46 3.62 -16.93
CA ILE B 69 27.74 2.40 -16.11
C ILE B 69 27.79 2.83 -14.64
N TYR B 70 27.44 1.93 -13.72
CA TYR B 70 27.62 2.11 -12.26
C TYR B 70 29.11 2.20 -11.96
N LYS B 71 29.50 3.14 -11.09
CA LYS B 71 30.92 3.45 -10.76
C LYS B 71 31.50 2.33 -9.87
N GLN B 72 30.71 1.83 -8.92
CA GLN B 72 31.16 0.85 -7.88
C GLN B 72 31.25 -0.56 -8.48
N SER B 73 32.33 -1.28 -8.16
CA SER B 73 32.63 -2.66 -8.63
C SER B 73 31.40 -3.57 -8.49
N GLN B 74 30.76 -3.57 -7.33
CA GLN B 74 29.68 -4.53 -6.98
C GLN B 74 28.42 -4.28 -7.83
N HIS B 75 28.32 -3.14 -8.53
CA HIS B 75 27.12 -2.75 -9.32
C HIS B 75 27.44 -2.66 -10.82
N MET B 76 28.70 -2.89 -11.23
CA MET B 76 29.19 -2.58 -12.60
C MET B 76 28.45 -3.42 -13.65
N THR B 77 28.11 -4.67 -13.33
CA THR B 77 27.48 -5.63 -14.30
C THR B 77 26.00 -5.30 -14.49
N GLU B 78 25.41 -4.46 -13.64
CA GLU B 78 23.97 -4.09 -13.73
C GLU B 78 23.81 -2.99 -14.79
N VAL B 79 22.86 -3.16 -15.71
CA VAL B 79 22.55 -2.18 -16.79
C VAL B 79 21.94 -0.93 -16.13
N VAL B 80 22.48 0.25 -16.45
CA VAL B 80 21.92 1.55 -15.96
C VAL B 80 20.68 1.87 -16.80
N ARG B 81 19.53 2.03 -16.15
CA ARG B 81 18.23 2.31 -16.81
C ARG B 81 17.38 3.20 -15.90
N ARG B 82 16.34 3.82 -16.46
CA ARG B 82 15.41 4.70 -15.70
C ARG B 82 14.60 3.84 -14.73
N CYS B 83 14.17 4.43 -13.61
CA CYS B 83 13.25 3.80 -12.63
C CYS B 83 11.90 3.56 -13.29
N PRO B 84 11.06 2.64 -12.75
CA PRO B 84 9.71 2.43 -13.30
C PRO B 84 8.89 3.72 -13.48
N HIS B 85 8.92 4.62 -12.50
CA HIS B 85 8.13 5.88 -12.49
C HIS B 85 8.50 6.74 -13.71
N HIS B 86 9.80 6.98 -13.92
CA HIS B 86 10.31 7.85 -15.00
C HIS B 86 10.11 7.17 -16.36
N GLU B 87 10.28 5.84 -16.43
CA GLU B 87 10.01 5.03 -17.65
C GLU B 87 8.57 5.30 -18.12
N ARG B 88 7.64 5.49 -17.17
CA ARG B 88 6.18 5.62 -17.43
C ARG B 88 5.77 7.09 -17.57
N CYS B 89 6.66 8.04 -17.28
CA CYS B 89 6.42 9.50 -17.48
C CYS B 89 6.17 9.76 -18.98
N SER B 90 5.22 10.66 -19.31
CA SER B 90 4.86 11.00 -20.71
C SER B 90 5.79 12.12 -21.21
N ASP B 91 7.09 11.82 -21.30
CA ASP B 91 8.16 12.79 -21.64
C ASP B 91 8.87 12.37 -22.92
N SER B 92 8.25 11.49 -23.71
CA SER B 92 8.82 10.92 -24.96
C SER B 92 9.06 12.04 -25.98
N ASP B 93 10.18 11.96 -26.72
CA ASP B 93 10.54 12.87 -27.84
C ASP B 93 10.32 12.15 -29.17
N GLY B 94 9.75 10.94 -29.14
CA GLY B 94 9.47 10.10 -30.33
C GLY B 94 10.67 9.28 -30.77
N LEU B 95 11.88 9.57 -30.27
CA LEU B 95 13.14 8.96 -30.74
C LEU B 95 13.74 8.05 -29.67
N ALA B 96 13.91 8.58 -28.45
CA ALA B 96 14.56 7.89 -27.31
C ALA B 96 13.65 6.76 -26.82
N PRO B 97 14.17 5.54 -26.60
CA PRO B 97 13.42 4.51 -25.87
C PRO B 97 13.13 4.98 -24.46
N PRO B 98 11.91 4.73 -23.92
CA PRO B 98 11.55 5.22 -22.58
C PRO B 98 12.44 4.74 -21.42
N GLN B 99 13.16 3.63 -21.61
N GLN B 99 13.16 3.63 -21.61
CA GLN B 99 14.04 3.00 -20.59
CA GLN B 99 14.04 3.01 -20.58
C GLN B 99 15.39 3.74 -20.49
C GLN B 99 15.39 3.74 -20.50
N HIS B 100 15.79 4.45 -21.56
CA HIS B 100 17.14 5.07 -21.68
C HIS B 100 17.31 6.26 -20.73
N LEU B 101 18.35 6.22 -19.89
CA LEU B 101 18.73 7.33 -18.98
C LEU B 101 19.21 8.54 -19.79
N ILE B 102 20.13 8.33 -20.74
CA ILE B 102 20.81 9.42 -21.49
C ILE B 102 20.13 9.62 -22.85
N ARG B 103 19.70 10.85 -23.12
CA ARG B 103 19.23 11.31 -24.44
C ARG B 103 20.17 12.40 -24.98
N VAL B 104 20.07 12.66 -26.28
CA VAL B 104 20.64 13.89 -26.93
C VAL B 104 19.46 14.74 -27.39
N GLU B 105 19.48 16.04 -27.06
CA GLU B 105 18.44 17.02 -27.46
C GLU B 105 18.95 17.81 -28.67
N GLY B 106 18.04 18.23 -29.55
CA GLY B 106 18.31 19.13 -30.68
C GLY B 106 19.13 18.48 -31.78
N ASN B 107 18.99 17.17 -31.99
CA ASN B 107 19.74 16.44 -33.06
C ASN B 107 18.85 15.34 -33.65
N LEU B 108 18.30 15.58 -34.83
CA LEU B 108 17.37 14.65 -35.53
C LEU B 108 18.11 13.44 -36.11
N ARG B 109 19.44 13.40 -36.03
CA ARG B 109 20.28 12.27 -36.53
C ARG B 109 20.65 11.35 -35.36
N VAL B 110 20.10 11.59 -34.16
CA VAL B 110 20.37 10.79 -32.94
C VAL B 110 19.94 9.34 -33.21
N GLU B 111 20.73 8.38 -32.70
CA GLU B 111 20.50 6.93 -32.83
C GLU B 111 20.63 6.30 -31.45
N TYR B 112 19.73 5.38 -31.10
CA TYR B 112 19.67 4.72 -29.78
C TYR B 112 19.88 3.22 -29.97
N LEU B 113 20.71 2.62 -29.13
CA LEU B 113 21.07 1.18 -29.17
C LEU B 113 20.67 0.50 -27.86
N ASP B 114 19.91 -0.60 -27.97
CA ASP B 114 19.87 -1.70 -26.96
C ASP B 114 20.83 -2.77 -27.49
N ASP B 115 22.01 -2.92 -26.89
CA ASP B 115 23.00 -3.94 -27.33
C ASP B 115 22.33 -5.31 -27.29
N ARG B 116 22.35 -6.07 -28.38
CA ARG B 116 21.61 -7.37 -28.48
C ARG B 116 22.23 -8.39 -27.52
N ASN B 117 23.50 -8.22 -27.15
CA ASN B 117 24.29 -9.21 -26.35
C ASN B 117 24.39 -8.76 -24.89
N THR B 118 24.75 -7.49 -24.63
CA THR B 118 25.02 -6.95 -23.26
C THR B 118 23.75 -6.30 -22.67
N PHE B 119 22.78 -5.93 -23.51
CA PHE B 119 21.51 -5.26 -23.11
C PHE B 119 21.78 -3.80 -22.67
N ARG B 120 23.01 -3.32 -22.82
CA ARG B 120 23.43 -1.95 -22.42
C ARG B 120 22.77 -0.92 -23.35
N HIS B 121 22.37 0.22 -22.78
CA HIS B 121 21.79 1.37 -23.50
C HIS B 121 22.92 2.32 -23.90
N SER B 122 22.87 2.85 -25.12
CA SER B 122 23.78 3.94 -25.57
C SER B 122 23.05 4.83 -26.58
N VAL B 123 23.51 6.06 -26.71
CA VAL B 123 22.97 7.07 -27.65
C VAL B 123 24.16 7.60 -28.46
N VAL B 124 24.02 7.66 -29.77
CA VAL B 124 25.14 8.01 -30.69
C VAL B 124 24.64 9.12 -31.63
N VAL B 125 25.53 10.06 -31.96
CA VAL B 125 25.25 11.15 -32.94
C VAL B 125 26.43 11.21 -33.91
N PRO B 126 26.21 11.73 -35.14
CA PRO B 126 27.30 12.05 -36.04
C PRO B 126 28.22 13.10 -35.39
N TYR B 127 29.54 12.89 -35.49
CA TYR B 127 30.53 13.92 -35.13
C TYR B 127 30.45 15.04 -36.16
N GLU B 128 30.32 16.29 -35.72
CA GLU B 128 30.46 17.50 -36.57
C GLU B 128 31.66 18.29 -36.06
N PRO B 129 32.47 18.90 -36.96
CA PRO B 129 33.59 19.74 -36.54
C PRO B 129 33.13 20.92 -35.71
N PRO B 130 34.03 21.57 -34.92
CA PRO B 130 33.64 22.69 -34.09
C PRO B 130 32.83 23.77 -34.83
N GLU B 131 31.74 24.23 -34.23
CA GLU B 131 30.86 25.28 -34.80
C GLU B 131 31.58 26.63 -34.75
N VAL B 132 31.04 27.61 -35.49
CA VAL B 132 31.59 29.00 -35.57
C VAL B 132 31.68 29.57 -34.15
N GLY B 133 32.83 30.16 -33.81
CA GLY B 133 33.05 30.87 -32.54
C GLY B 133 33.48 29.94 -31.42
N SER B 134 33.72 28.66 -31.74
CA SER B 134 34.09 27.59 -30.76
C SER B 134 35.26 26.76 -31.29
N ASP B 135 36.10 26.27 -30.38
CA ASP B 135 37.29 25.42 -30.69
C ASP B 135 36.95 23.94 -30.42
N CYS B 136 35.71 23.64 -30.03
CA CYS B 136 35.27 22.26 -29.70
C CYS B 136 33.88 21.99 -30.29
N THR B 137 33.49 20.72 -30.29
CA THR B 137 32.13 20.26 -30.65
C THR B 137 31.33 20.06 -29.36
N THR B 138 30.14 20.64 -29.27
CA THR B 138 29.26 20.51 -28.08
C THR B 138 28.09 19.60 -28.43
N ILE B 139 27.86 18.58 -27.59
CA ILE B 139 26.65 17.72 -27.63
C ILE B 139 25.81 18.10 -26.41
N HIS B 140 24.50 18.30 -26.60
CA HIS B 140 23.55 18.58 -25.49
C HIS B 140 22.92 17.26 -25.02
N TYR B 141 23.39 16.73 -23.89
CA TYR B 141 22.87 15.50 -23.26
C TYR B 141 21.75 15.89 -22.28
N ASN B 142 20.76 15.00 -22.13
CA ASN B 142 19.71 15.06 -21.07
C ASN B 142 19.75 13.75 -20.27
N TYR B 143 19.78 13.84 -18.94
CA TYR B 143 19.70 12.69 -18.02
C TYR B 143 18.28 12.62 -17.43
N MET B 144 17.57 11.52 -17.69
CA MET B 144 16.08 11.44 -17.61
C MET B 144 15.63 10.68 -16.35
N CYS B 145 16.49 10.62 -15.34
CA CYS B 145 16.22 9.97 -14.03
C CYS B 145 17.19 10.57 -13.01
N ASN B 146 16.74 10.79 -11.77
CA ASN B 146 17.58 11.36 -10.69
C ASN B 146 18.46 10.25 -10.11
N SER B 147 19.67 10.59 -9.62
CA SER B 147 20.59 9.67 -8.91
C SER B 147 19.87 9.00 -7.72
N SER B 148 18.97 9.73 -7.05
CA SER B 148 18.28 9.30 -5.81
C SER B 148 17.09 8.37 -6.12
N CYS B 149 16.68 8.25 -7.38
CA CYS B 149 15.45 7.50 -7.77
C CYS B 149 15.50 6.07 -7.22
N MET B 150 14.56 5.75 -6.33
CA MET B 150 14.33 4.37 -5.82
C MET B 150 13.84 3.50 -6.99
N GLY B 151 14.36 2.28 -7.12
CA GLY B 151 14.00 1.35 -8.21
C GLY B 151 14.73 1.67 -9.50
N GLY B 152 15.68 2.61 -9.44
CA GLY B 152 16.67 2.90 -10.50
C GLY B 152 18.07 2.94 -9.91
N MET B 153 18.80 4.05 -10.11
CA MET B 153 20.20 4.22 -9.63
C MET B 153 20.23 4.17 -8.09
N ASN B 154 19.19 4.71 -7.43
CA ASN B 154 18.97 4.57 -5.96
C ASN B 154 20.22 5.01 -5.21
N ARG B 155 20.75 6.19 -5.55
CA ARG B 155 21.90 6.88 -4.88
C ARG B 155 23.25 6.23 -5.24
N ARG B 156 23.27 5.23 -6.12
CA ARG B 156 24.53 4.61 -6.59
C ARG B 156 25.14 5.52 -7.65
N PRO B 157 26.43 5.93 -7.50
CA PRO B 157 27.08 6.80 -8.46
C PRO B 157 27.31 6.11 -9.81
N ILE B 158 27.18 6.87 -10.90
CA ILE B 158 27.37 6.39 -12.30
C ILE B 158 28.50 7.17 -12.96
N LEU B 159 29.10 6.55 -13.99
CA LEU B 159 30.00 7.20 -14.96
C LEU B 159 29.26 7.29 -16.30
N THR B 160 29.47 8.37 -17.04
CA THR B 160 29.18 8.43 -18.49
C THR B 160 30.50 8.17 -19.23
N ILE B 161 30.50 7.20 -20.13
CA ILE B 161 31.63 6.91 -21.07
C ILE B 161 31.26 7.49 -22.44
N ILE B 162 32.11 8.39 -22.94
CA ILE B 162 32.00 8.99 -24.30
C ILE B 162 33.07 8.31 -25.17
N THR B 163 32.64 7.66 -26.26
CA THR B 163 33.56 6.98 -27.21
C THR B 163 33.42 7.65 -28.57
N LEU B 164 34.55 7.92 -29.21
CA LEU B 164 34.63 8.37 -30.63
C LEU B 164 34.86 7.12 -31.47
N GLU B 165 34.00 6.84 -32.45
CA GLU B 165 34.13 5.67 -33.35
C GLU B 165 34.02 6.14 -34.81
N ASP B 166 34.65 5.43 -35.74
CA ASP B 166 34.57 5.72 -37.19
C ASP B 166 33.26 5.11 -37.70
N SER B 167 32.95 5.31 -38.97
CA SER B 167 31.68 4.87 -39.61
C SER B 167 31.55 3.34 -39.60
N SER B 168 32.64 2.61 -39.37
CA SER B 168 32.69 1.12 -39.35
C SER B 168 32.68 0.59 -37.91
N GLY B 169 32.62 1.45 -36.90
CA GLY B 169 32.52 1.07 -35.49
C GLY B 169 33.86 0.83 -34.83
N ASN B 170 34.97 1.20 -35.49
CA ASN B 170 36.33 1.08 -34.89
C ASN B 170 36.48 2.15 -33.81
N LEU B 171 36.98 1.78 -32.64
CA LEU B 171 37.25 2.69 -31.50
C LEU B 171 38.38 3.65 -31.88
N LEU B 172 38.13 4.97 -31.79
CA LEU B 172 39.13 6.03 -32.06
C LEU B 172 39.61 6.66 -30.75
N GLY B 173 38.74 6.73 -29.74
CA GLY B 173 39.01 7.48 -28.49
C GLY B 173 37.97 7.22 -27.44
N ARG B 174 38.35 7.33 -26.16
CA ARG B 174 37.44 7.12 -25.01
C ARG B 174 37.81 8.06 -23.87
N ASN B 175 36.78 8.65 -23.25
CA ASN B 175 36.89 9.49 -22.03
C ASN B 175 35.67 9.22 -21.17
N SER B 176 35.72 9.59 -19.89
CA SER B 176 34.62 9.35 -18.93
C SER B 176 34.58 10.44 -17.87
N PHE B 177 33.42 10.58 -17.24
CA PHE B 177 33.18 11.50 -16.11
C PHE B 177 32.06 10.92 -15.24
N GLU B 178 32.15 11.12 -13.93
CA GLU B 178 31.09 10.78 -12.96
C GLU B 178 29.94 11.76 -13.18
N VAL B 179 28.71 11.32 -12.92
CA VAL B 179 27.48 12.16 -13.05
C VAL B 179 26.63 11.99 -11.79
N ARG B 180 26.13 13.11 -11.25
CA ARG B 180 25.01 13.12 -10.28
C ARG B 180 23.86 13.92 -10.88
N VAL B 181 22.70 13.28 -11.04
CA VAL B 181 21.44 13.94 -11.48
C VAL B 181 20.65 14.30 -10.23
N CYS B 182 20.44 15.59 -9.96
CA CYS B 182 19.95 16.10 -8.65
C CYS B 182 19.23 17.43 -8.81
N ALA B 183 18.49 17.85 -7.77
CA ALA B 183 17.60 19.03 -7.79
C ALA B 183 18.40 20.33 -7.76
N CYS B 184 19.54 20.35 -7.07
N CYS B 184 19.53 20.36 -7.05
CA CYS B 184 20.40 21.55 -6.87
CA CYS B 184 20.41 21.55 -6.86
C CYS B 184 21.86 21.22 -7.18
C CYS B 184 21.86 21.20 -7.18
N PRO B 185 22.24 21.11 -8.48
CA PRO B 185 23.61 20.75 -8.85
C PRO B 185 24.71 21.63 -8.23
N GLY B 186 24.47 22.95 -8.19
CA GLY B 186 25.41 23.95 -7.63
C GLY B 186 25.76 23.63 -6.18
N ARG B 187 24.75 23.53 -5.32
CA ARG B 187 24.90 23.21 -3.88
C ARG B 187 25.61 21.86 -3.73
N ASP B 188 25.20 20.85 -4.50
CA ASP B 188 25.72 19.46 -4.37
C ASP B 188 27.20 19.42 -4.78
N ARG B 189 27.59 20.16 -5.83
CA ARG B 189 29.01 20.29 -6.22
C ARG B 189 29.82 20.91 -5.06
N ARG B 190 29.35 22.04 -4.51
CA ARG B 190 30.02 22.72 -3.37
C ARG B 190 30.21 21.72 -2.22
N THR B 191 29.13 21.05 -1.82
CA THR B 191 29.11 20.06 -0.71
C THR B 191 30.15 18.96 -0.96
N GLU B 192 30.17 18.36 -2.15
CA GLU B 192 31.04 17.20 -2.46
C GLU B 192 32.51 17.64 -2.60
N GLU B 193 32.75 18.92 -2.89
CA GLU B 193 34.12 19.51 -2.99
C GLU B 193 34.61 19.91 -1.60
N GLU B 194 33.69 20.22 -0.69
CA GLU B 194 33.97 20.54 0.75
C GLU B 194 34.73 19.35 1.38
N ASN B 195 34.38 18.12 0.99
CA ASN B 195 34.91 16.86 1.59
C ASN B 195 36.36 16.62 1.15
N LEU B 196 36.87 17.38 0.18
CA LEU B 196 38.31 17.38 -0.22
C LEU B 196 39.11 18.18 0.82
N SER C 3 -27.47 5.83 13.30
CA SER C 3 -27.09 4.84 12.26
C SER C 3 -27.68 3.47 12.59
N VAL C 4 -27.55 2.50 11.68
CA VAL C 4 -28.08 1.12 11.82
C VAL C 4 -27.02 0.14 11.32
N PRO C 5 -26.66 -0.89 12.12
CA PRO C 5 -25.75 -1.94 11.66
C PRO C 5 -26.40 -2.72 10.51
N SER C 6 -25.61 -3.12 9.52
CA SER C 6 -26.06 -3.94 8.36
C SER C 6 -26.53 -5.32 8.85
N GLN C 7 -27.65 -5.82 8.32
CA GLN C 7 -28.17 -7.19 8.56
C GLN C 7 -28.04 -8.03 7.28
N LYS C 8 -27.26 -7.57 6.30
CA LYS C 8 -26.98 -8.28 5.02
C LYS C 8 -26.35 -9.64 5.28
N THR C 9 -26.98 -10.72 4.84
CA THR C 9 -26.37 -12.08 4.83
C THR C 9 -25.12 -12.02 3.94
N TYR C 10 -24.02 -12.58 4.44
CA TYR C 10 -22.70 -12.60 3.78
C TYR C 10 -21.96 -13.86 4.22
N GLN C 11 -21.99 -14.91 3.40
CA GLN C 11 -21.36 -16.21 3.71
C GLN C 11 -19.83 -16.05 3.65
N GLY C 12 -19.35 -15.22 2.71
CA GLY C 12 -17.94 -14.80 2.60
C GLY C 12 -17.01 -15.94 2.22
N SER C 13 -15.71 -15.74 2.43
CA SER C 13 -14.62 -16.63 1.96
C SER C 13 -14.73 -18.02 2.58
N TYR C 14 -15.26 -18.13 3.81
CA TYR C 14 -15.20 -19.37 4.62
C TYR C 14 -16.54 -20.12 4.59
N GLY C 15 -17.52 -19.62 3.84
CA GLY C 15 -18.83 -20.26 3.66
C GLY C 15 -19.59 -20.33 4.97
N PHE C 16 -19.77 -19.16 5.61
CA PHE C 16 -20.31 -19.02 6.98
C PHE C 16 -21.84 -19.04 6.95
N ARG C 17 -22.45 -19.96 7.68
CA ARG C 17 -23.93 -19.93 7.91
C ARG C 17 -24.23 -20.42 9.32
N LEU C 18 -25.48 -20.23 9.74
CA LEU C 18 -25.95 -20.61 11.10
C LEU C 18 -26.73 -21.91 11.00
N GLY C 19 -26.67 -22.72 12.05
CA GLY C 19 -27.52 -23.89 12.30
C GLY C 19 -28.17 -23.81 13.66
N PHE C 20 -29.27 -24.52 13.83
CA PHE C 20 -30.06 -24.56 15.08
C PHE C 20 -30.45 -26.03 15.34
N LEU C 21 -30.67 -26.39 16.59
CA LEU C 21 -31.16 -27.75 16.93
C LEU C 21 -32.58 -27.90 16.35
N HIS C 22 -32.94 -29.12 15.95
CA HIS C 22 -34.29 -29.45 15.41
C HIS C 22 -35.14 -29.94 16.59
N SER C 23 -35.55 -29.01 17.45
CA SER C 23 -36.08 -29.28 18.82
C SER C 23 -37.58 -29.54 18.82
N GLY C 24 -38.31 -29.12 17.78
CA GLY C 24 -39.77 -29.28 17.70
C GLY C 24 -40.49 -28.34 18.64
N THR C 25 -41.80 -28.54 18.84
CA THR C 25 -42.70 -27.57 19.54
C THR C 25 -43.42 -28.21 20.73
N ALA C 26 -42.89 -29.28 21.30
CA ALA C 26 -43.43 -29.87 22.56
C ALA C 26 -43.44 -28.78 23.64
N LYS C 27 -44.39 -28.85 24.57
CA LYS C 27 -44.60 -27.81 25.62
C LYS C 27 -43.31 -27.64 26.44
N SER C 28 -42.53 -28.71 26.61
CA SER C 28 -41.34 -28.79 27.49
C SER C 28 -40.10 -28.09 26.89
N VAL C 29 -40.09 -27.78 25.59
CA VAL C 29 -38.87 -27.24 24.91
C VAL C 29 -38.58 -25.84 25.45
N THR C 30 -37.33 -25.57 25.82
CA THR C 30 -36.86 -24.29 26.41
C THR C 30 -36.38 -23.35 25.29
N CYS C 31 -36.12 -23.91 24.11
CA CYS C 31 -35.55 -23.20 22.94
C CYS C 31 -35.93 -23.97 21.67
N THR C 32 -36.56 -23.32 20.70
CA THR C 32 -36.90 -23.95 19.39
C THR C 32 -36.83 -22.91 18.27
N TYR C 33 -36.23 -23.30 17.14
CA TYR C 33 -36.03 -22.46 15.94
C TYR C 33 -37.05 -22.84 14.86
N SER C 34 -37.69 -21.84 14.25
CA SER C 34 -38.60 -21.96 13.08
C SER C 34 -37.83 -21.67 11.79
N PRO C 35 -37.52 -22.70 10.96
CA PRO C 35 -36.99 -22.49 9.63
C PRO C 35 -37.86 -21.59 8.73
N ALA C 36 -39.18 -21.78 8.73
CA ALA C 36 -40.14 -21.03 7.89
C ALA C 36 -40.05 -19.52 8.20
N LEU C 37 -39.91 -19.17 9.48
CA LEU C 37 -39.93 -17.75 9.96
C LEU C 37 -38.51 -17.21 10.17
N ASN C 38 -37.49 -18.07 10.04
CA ASN C 38 -36.08 -17.78 10.46
C ASN C 38 -36.14 -17.08 11.83
N LYS C 39 -36.73 -17.75 12.82
CA LYS C 39 -37.07 -17.14 14.14
C LYS C 39 -36.79 -18.13 15.26
N MET C 40 -35.91 -17.73 16.20
CA MET C 40 -35.62 -18.46 17.45
C MET C 40 -36.65 -18.03 18.50
N PHE C 41 -37.34 -19.00 19.11
CA PHE C 41 -38.21 -18.85 20.30
C PHE C 41 -37.45 -19.44 21.48
N CYS C 42 -37.18 -18.64 22.52
CA CYS C 42 -36.34 -19.07 23.67
C CYS C 42 -36.88 -18.46 24.96
N GLN C 43 -36.54 -19.07 26.10
CA GLN C 43 -36.93 -18.59 27.45
C GLN C 43 -35.86 -17.64 27.99
N LEU C 44 -36.30 -16.72 28.85
CA LEU C 44 -35.45 -15.73 29.58
C LEU C 44 -34.29 -16.49 30.26
N ALA C 45 -33.05 -16.05 29.99
CA ALA C 45 -31.81 -16.49 30.68
C ALA C 45 -31.50 -17.98 30.49
N LYS C 46 -32.26 -18.70 29.65
CA LYS C 46 -32.03 -20.16 29.40
C LYS C 46 -31.07 -20.32 28.21
N THR C 47 -30.38 -21.46 28.15
CA THR C 47 -29.41 -21.80 27.07
C THR C 47 -30.12 -21.70 25.71
N CYS C 48 -29.52 -20.97 24.78
N CYS C 48 -29.55 -20.92 24.79
CA CYS C 48 -29.95 -20.81 23.37
CA CYS C 48 -29.97 -20.83 23.36
C CYS C 48 -28.81 -21.25 22.46
C CYS C 48 -28.80 -21.25 22.48
N PRO C 49 -28.72 -22.55 22.09
CA PRO C 49 -27.65 -23.02 21.20
C PRO C 49 -27.76 -22.40 19.81
N VAL C 50 -26.67 -21.80 19.34
CA VAL C 50 -26.52 -21.27 17.95
C VAL C 50 -25.26 -21.92 17.38
N GLN C 51 -25.41 -22.60 16.23
CA GLN C 51 -24.32 -23.33 15.56
C GLN C 51 -23.70 -22.45 14.47
N LEU C 52 -22.37 -22.40 14.44
CA LEU C 52 -21.59 -21.80 13.33
C LEU C 52 -21.13 -22.95 12.42
N TRP C 53 -21.51 -22.88 11.14
CA TRP C 53 -21.10 -23.81 10.06
C TRP C 53 -20.23 -23.05 9.07
N VAL C 54 -19.04 -23.58 8.76
CA VAL C 54 -18.09 -23.00 7.75
C VAL C 54 -17.67 -24.13 6.80
N ASP C 55 -17.37 -23.79 5.55
CA ASP C 55 -16.81 -24.71 4.51
C ASP C 55 -15.30 -24.86 4.71
N SER C 56 -14.64 -23.85 5.30
CA SER C 56 -13.18 -23.83 5.58
C SER C 56 -12.90 -23.07 6.89
N THR C 57 -11.86 -23.50 7.61
CA THR C 57 -11.50 -22.98 8.96
C THR C 57 -11.09 -21.51 8.83
N PRO C 58 -11.78 -20.59 9.53
CA PRO C 58 -11.32 -19.21 9.64
C PRO C 58 -9.92 -19.13 10.24
N PRO C 59 -9.19 -18.02 9.99
CA PRO C 59 -7.81 -17.89 10.45
C PRO C 59 -7.70 -17.76 11.98
N PRO C 60 -6.49 -17.94 12.55
CA PRO C 60 -6.29 -17.73 13.98
C PRO C 60 -6.73 -16.32 14.38
N GLY C 61 -7.32 -16.19 15.57
CA GLY C 61 -7.73 -14.90 16.15
C GLY C 61 -9.09 -14.43 15.65
N THR C 62 -9.78 -15.25 14.85
CA THR C 62 -11.15 -14.95 14.38
C THR C 62 -12.06 -14.83 15.62
N ARG C 63 -13.02 -13.92 15.56
CA ARG C 63 -13.94 -13.61 16.69
C ARG C 63 -15.37 -13.66 16.17
N VAL C 64 -16.30 -14.05 17.05
CA VAL C 64 -17.75 -14.20 16.74
C VAL C 64 -18.51 -13.20 17.60
N ARG C 65 -19.14 -12.21 16.97
CA ARG C 65 -19.89 -11.13 17.65
C ARG C 65 -21.40 -11.33 17.44
N ALA C 66 -22.18 -11.09 18.49
CA ALA C 66 -23.66 -11.08 18.48
C ALA C 66 -24.14 -9.69 18.90
N MET C 67 -25.12 -9.17 18.18
CA MET C 67 -25.76 -7.84 18.41
C MET C 67 -27.24 -7.95 18.08
N ALA C 68 -28.10 -7.35 18.90
CA ALA C 68 -29.56 -7.25 18.69
C ALA C 68 -29.87 -5.89 18.06
N ILE C 69 -30.78 -5.87 17.08
CA ILE C 69 -31.40 -4.64 16.52
C ILE C 69 -32.90 -4.86 16.49
N TYR C 70 -33.70 -3.79 16.48
CA TYR C 70 -35.17 -3.88 16.27
C TYR C 70 -35.43 -4.20 14.79
N LYS C 71 -36.37 -5.11 14.53
CA LYS C 71 -36.70 -5.61 13.17
C LYS C 71 -37.48 -4.53 12.40
N GLN C 72 -38.38 -3.81 13.07
CA GLN C 72 -39.27 -2.79 12.44
C GLN C 72 -38.45 -1.52 12.14
N SER C 73 -38.61 -0.99 10.91
CA SER C 73 -37.86 0.18 10.38
CA SER C 73 -37.86 0.17 10.39
C SER C 73 -37.92 1.35 11.36
N GLN C 74 -39.11 1.64 11.90
CA GLN C 74 -39.39 2.83 12.75
C GLN C 74 -38.67 2.72 14.12
N HIS C 75 -38.09 1.56 14.47
CA HIS C 75 -37.44 1.29 15.78
C HIS C 75 -35.96 0.93 15.62
N MET C 76 -35.45 0.84 14.39
CA MET C 76 -34.10 0.28 14.07
C MET C 76 -32.98 1.15 14.66
N THR C 77 -33.19 2.46 14.80
CA THR C 77 -32.17 3.43 15.28
C THR C 77 -32.08 3.38 16.81
N GLU C 78 -33.06 2.77 17.49
CA GLU C 78 -33.08 2.64 18.97
C GLU C 78 -32.19 1.45 19.38
N VAL C 79 -31.24 1.69 20.31
CA VAL C 79 -30.36 0.62 20.86
C VAL C 79 -31.25 -0.38 21.62
N VAL C 80 -31.12 -1.67 21.31
CA VAL C 80 -31.77 -2.77 22.07
C VAL C 80 -31.00 -2.94 23.39
N ARG C 81 -31.69 -2.75 24.52
CA ARG C 81 -31.11 -2.89 25.88
C ARG C 81 -32.16 -3.52 26.81
N ARG C 82 -31.74 -3.95 27.99
CA ARG C 82 -32.65 -4.52 29.01
C ARG C 82 -33.54 -3.41 29.58
N CYS C 83 -34.75 -3.78 30.01
CA CYS C 83 -35.71 -2.90 30.73
C CYS C 83 -35.06 -2.46 32.06
N PRO C 84 -35.45 -1.31 32.64
CA PRO C 84 -34.90 -0.89 33.93
C PRO C 84 -34.92 -2.01 34.98
N HIS C 85 -36.01 -2.77 35.05
CA HIS C 85 -36.20 -3.90 36.01
C HIS C 85 -35.08 -4.94 35.90
N HIS C 86 -34.88 -5.51 34.71
CA HIS C 86 -33.90 -6.61 34.48
C HIS C 86 -32.47 -6.05 34.60
N GLU C 87 -32.26 -4.79 34.21
CA GLU C 87 -30.96 -4.08 34.42
C GLU C 87 -30.62 -4.14 35.93
N ARG C 88 -31.62 -3.96 36.79
CA ARG C 88 -31.44 -3.80 38.27
C ARG C 88 -31.55 -5.16 39.00
N CYS C 89 -31.95 -6.23 38.31
CA CYS C 89 -32.05 -7.59 38.89
C CYS C 89 -30.66 -8.08 39.30
N SER C 90 -30.57 -8.85 40.39
CA SER C 90 -29.32 -9.52 40.86
C SER C 90 -29.17 -10.86 40.13
N ASP C 91 -29.03 -10.81 38.80
CA ASP C 91 -28.85 -11.99 37.91
C ASP C 91 -27.50 -11.91 37.20
N SER C 92 -26.52 -11.22 37.80
CA SER C 92 -25.17 -10.98 37.25
C SER C 92 -24.36 -12.29 37.23
N ASP C 93 -23.55 -12.49 36.18
CA ASP C 93 -22.59 -13.62 36.07
C ASP C 93 -21.16 -13.11 36.30
N GLY C 94 -20.99 -11.82 36.62
CA GLY C 94 -19.69 -11.19 36.93
C GLY C 94 -18.92 -10.79 35.68
N LEU C 95 -19.50 -10.97 34.49
CA LEU C 95 -18.83 -10.69 33.19
C LEU C 95 -19.68 -9.72 32.36
N ALA C 96 -20.98 -10.00 32.19
CA ALA C 96 -21.91 -9.24 31.32
C ALA C 96 -22.26 -7.91 31.98
N PRO C 97 -22.22 -6.78 31.23
CA PRO C 97 -22.76 -5.53 31.74
C PRO C 97 -24.24 -5.70 32.03
N PRO C 98 -24.76 -5.06 33.11
CA PRO C 98 -26.16 -5.26 33.50
C PRO C 98 -27.20 -4.80 32.46
N GLN C 99 -26.85 -3.90 31.53
CA GLN C 99 -27.78 -3.36 30.50
C GLN C 99 -27.88 -4.29 29.28
N HIS C 100 -26.92 -5.20 29.09
CA HIS C 100 -26.78 -6.03 27.87
C HIS C 100 -27.87 -7.11 27.79
N LEU C 101 -28.62 -7.13 26.69
CA LEU C 101 -29.65 -8.17 26.42
C LEU C 101 -28.97 -9.54 26.28
N ILE C 102 -27.97 -9.63 25.40
CA ILE C 102 -27.36 -10.92 24.96
C ILE C 102 -26.11 -11.19 25.79
N ARG C 103 -26.06 -12.34 26.47
CA ARG C 103 -24.86 -12.89 27.12
C ARG C 103 -24.43 -14.18 26.44
N VAL C 104 -23.17 -14.57 26.61
CA VAL C 104 -22.67 -15.93 26.28
C VAL C 104 -22.43 -16.65 27.62
N GLU C 105 -22.98 -17.84 27.79
CA GLU C 105 -22.78 -18.66 29.00
C GLU C 105 -21.65 -19.66 28.70
N GLY C 106 -20.91 -20.07 29.74
CA GLY C 106 -19.91 -21.14 29.70
C GLY C 106 -18.72 -20.81 28.82
N ASN C 107 -18.28 -19.55 28.80
CA ASN C 107 -17.07 -19.10 28.06
C ASN C 107 -16.41 -17.94 28.81
N LEU C 108 -15.29 -18.23 29.50
CA LEU C 108 -14.54 -17.25 30.32
C LEU C 108 -13.82 -16.22 29.43
N ARG C 109 -13.71 -16.46 28.12
CA ARG C 109 -13.00 -15.54 27.17
C ARG C 109 -14.00 -14.58 26.53
N VAL C 110 -15.25 -14.57 27.00
CA VAL C 110 -16.31 -13.65 26.50
C VAL C 110 -15.88 -12.20 26.75
N GLU C 111 -16.16 -11.31 25.79
CA GLU C 111 -15.88 -9.86 25.85
C GLU C 111 -17.15 -9.10 25.48
N TYR C 112 -17.47 -8.04 26.23
CA TYR C 112 -18.67 -7.19 26.01
C TYR C 112 -18.22 -5.80 25.58
N LEU C 113 -18.91 -5.22 24.59
CA LEU C 113 -18.61 -3.87 24.04
C LEU C 113 -19.85 -2.97 24.16
N ASP C 114 -19.67 -1.78 24.71
CA ASP C 114 -20.53 -0.58 24.46
C ASP C 114 -19.81 0.25 23.39
N ASP C 115 -20.36 0.33 22.19
CA ASP C 115 -19.73 1.08 21.08
C ASP C 115 -19.65 2.56 21.48
N ARG C 116 -18.46 3.15 21.41
CA ARG C 116 -18.18 4.53 21.88
C ARG C 116 -18.93 5.55 20.99
N ASN C 117 -19.27 5.18 19.75
CA ASN C 117 -19.92 6.08 18.75
C ASN C 117 -21.42 5.74 18.63
N THR C 118 -21.77 4.47 18.41
CA THR C 118 -23.16 4.03 18.11
C THR C 118 -23.93 3.74 19.42
N PHE C 119 -23.22 3.49 20.52
CA PHE C 119 -23.76 3.10 21.85
C PHE C 119 -24.43 1.71 21.77
N ARG C 120 -24.21 0.97 20.69
CA ARG C 120 -24.75 -0.39 20.49
C ARG C 120 -24.03 -1.34 21.45
N HIS C 121 -24.74 -2.32 22.00
CA HIS C 121 -24.19 -3.42 22.82
C HIS C 121 -23.85 -4.61 21.92
N SER C 122 -22.73 -5.27 22.16
CA SER C 122 -22.43 -6.56 21.49
C SER C 122 -21.61 -7.45 22.43
N VAL C 123 -21.64 -8.76 22.16
CA VAL C 123 -20.90 -9.79 22.92
C VAL C 123 -20.11 -10.61 21.91
N VAL C 124 -18.83 -10.82 22.19
CA VAL C 124 -17.86 -11.44 21.24
C VAL C 124 -17.09 -12.52 22.00
N VAL C 125 -16.88 -13.66 21.34
CA VAL C 125 -16.05 -14.79 21.83
C VAL C 125 -15.03 -15.13 20.76
N PRO C 126 -13.86 -15.69 21.13
CA PRO C 126 -12.94 -16.28 20.15
C PRO C 126 -13.67 -17.38 19.37
N TYR C 127 -13.52 -17.41 18.06
CA TYR C 127 -13.95 -18.55 17.21
C TYR C 127 -13.10 -19.76 17.57
N GLU C 128 -13.76 -20.90 17.87
CA GLU C 128 -13.11 -22.23 18.03
C GLU C 128 -13.58 -23.13 16.90
N PRO C 129 -12.66 -23.84 16.20
CA PRO C 129 -13.06 -24.79 15.17
C PRO C 129 -13.89 -25.90 15.81
N PRO C 130 -14.75 -26.63 15.06
CA PRO C 130 -15.55 -27.71 15.64
C PRO C 130 -14.69 -28.72 16.43
N GLU C 131 -15.27 -29.28 17.49
CA GLU C 131 -14.59 -30.25 18.39
C GLU C 131 -14.37 -31.57 17.64
N SER C 134 -17.34 -33.43 15.31
CA SER C 134 -18.43 -32.43 15.16
C SER C 134 -18.31 -31.71 13.82
N ASP C 135 -19.42 -31.21 13.29
CA ASP C 135 -19.49 -30.52 11.96
C ASP C 135 -19.77 -29.02 12.14
N CYS C 136 -19.91 -28.54 13.38
CA CYS C 136 -20.19 -27.10 13.68
C CYS C 136 -19.66 -26.70 15.06
N THR C 137 -19.51 -25.40 15.27
CA THR C 137 -19.18 -24.78 16.58
C THR C 137 -20.48 -24.24 17.20
N THR C 138 -20.78 -24.66 18.42
CA THR C 138 -21.99 -24.23 19.17
C THR C 138 -21.59 -23.14 20.17
N ILE C 139 -22.30 -22.01 20.14
CA ILE C 139 -22.23 -20.95 21.18
C ILE C 139 -23.54 -21.01 21.96
N HIS C 140 -23.47 -20.97 23.29
CA HIS C 140 -24.64 -20.91 24.19
C HIS C 140 -24.92 -19.46 24.55
N TYR C 141 -25.90 -18.85 23.91
CA TYR C 141 -26.39 -17.49 24.20
C TYR C 141 -27.49 -17.55 25.26
N ASN C 142 -27.60 -16.48 26.03
CA ASN C 142 -28.71 -16.20 26.98
C ASN C 142 -29.29 -14.83 26.63
N TYR C 143 -30.61 -14.74 26.51
CA TYR C 143 -31.37 -13.47 26.34
C TYR C 143 -31.95 -13.11 27.71
N MET C 144 -31.61 -11.93 28.21
CA MET C 144 -31.76 -11.57 29.65
C MET C 144 -32.96 -10.63 29.88
N CYS C 145 -33.77 -10.42 28.85
CA CYS C 145 -35.11 -9.78 28.91
C CYS C 145 -36.10 -10.60 28.07
N ASN C 146 -37.38 -10.55 28.43
CA ASN C 146 -38.50 -11.13 27.67
C ASN C 146 -38.91 -10.12 26.60
N SER C 147 -39.43 -10.60 25.46
CA SER C 147 -39.94 -9.75 24.36
C SER C 147 -41.06 -8.84 24.88
N SER C 148 -41.79 -9.28 25.92
CA SER C 148 -42.97 -8.60 26.50
C SER C 148 -42.59 -7.65 27.65
N CYS C 149 -41.31 -7.55 28.02
CA CYS C 149 -40.83 -6.68 29.12
C CYS C 149 -41.27 -5.22 28.89
N MET C 150 -42.05 -4.66 29.83
CA MET C 150 -42.44 -3.22 29.83
C MET C 150 -41.17 -2.37 30.05
N GLY C 151 -40.98 -1.31 29.25
CA GLY C 151 -39.84 -0.39 29.36
C GLY C 151 -38.56 -0.97 28.81
N GLY C 152 -38.64 -2.11 28.10
CA GLY C 152 -37.54 -2.72 27.35
C GLY C 152 -37.90 -2.86 25.88
N MET C 153 -37.88 -4.08 25.35
CA MET C 153 -38.31 -4.39 23.96
C MET C 153 -39.81 -4.11 23.82
N ASN C 154 -40.60 -4.42 24.84
CA ASN C 154 -42.03 -4.01 24.97
C ASN C 154 -42.82 -4.57 23.78
N ARG C 155 -42.64 -5.84 23.48
CA ARG C 155 -43.38 -6.64 22.45
C ARG C 155 -42.81 -6.37 21.05
N ARG C 156 -41.81 -5.49 20.90
CA ARG C 156 -41.21 -5.17 19.58
C ARG C 156 -40.27 -6.32 19.19
N PRO C 157 -40.44 -6.92 17.99
CA PRO C 157 -39.52 -7.96 17.52
C PRO C 157 -38.09 -7.44 17.32
N ILE C 158 -37.10 -8.30 17.56
CA ILE C 158 -35.65 -8.00 17.38
C ILE C 158 -35.05 -9.03 16.42
N LEU C 159 -33.96 -8.65 15.74
CA LEU C 159 -33.04 -9.58 15.07
C LEU C 159 -31.79 -9.71 15.93
N THR C 160 -31.21 -10.91 16.00
CA THR C 160 -29.80 -11.12 16.39
C THR C 160 -28.95 -11.16 15.13
N ILE C 161 -27.89 -10.36 15.06
CA ILE C 161 -26.90 -10.35 13.95
C ILE C 161 -25.62 -11.03 14.45
N ILE C 162 -25.22 -12.13 13.80
CA ILE C 162 -23.97 -12.87 14.11
C ILE C 162 -22.94 -12.51 13.03
N THR C 163 -21.84 -11.87 13.42
CA THR C 163 -20.73 -11.53 12.50
C THR C 163 -19.49 -12.36 12.89
N LEU C 164 -18.80 -12.86 11.88
CA LEU C 164 -17.42 -13.40 11.98
C LEU C 164 -16.47 -12.25 11.63
N GLU C 165 -15.49 -11.96 12.48
CA GLU C 165 -14.47 -10.90 12.20
C GLU C 165 -13.08 -11.44 12.52
N ASP C 166 -12.07 -10.93 11.82
CA ASP C 166 -10.65 -11.31 12.05
C ASP C 166 -10.18 -10.55 13.28
N SER C 167 -8.92 -10.77 13.69
CA SER C 167 -8.33 -10.18 14.92
C SER C 167 -8.36 -8.64 14.85
N SER C 168 -8.47 -8.04 13.66
CA SER C 168 -8.44 -6.57 13.44
C SER C 168 -9.86 -5.98 13.36
N GLY C 169 -10.90 -6.81 13.37
CA GLY C 169 -12.31 -6.39 13.31
C GLY C 169 -12.87 -6.37 11.90
N ASN C 170 -12.11 -6.84 10.90
CA ASN C 170 -12.54 -6.89 9.48
C ASN C 170 -13.62 -7.96 9.34
N LEU C 171 -14.71 -7.64 8.64
CA LEU C 171 -15.87 -8.54 8.40
C LEU C 171 -15.41 -9.76 7.58
N LEU C 172 -15.68 -10.97 8.07
CA LEU C 172 -15.44 -12.25 7.34
C LEU C 172 -16.78 -12.88 6.93
N GLY C 173 -17.86 -12.61 7.68
CA GLY C 173 -19.17 -13.25 7.47
C GLY C 173 -20.25 -12.64 8.32
N ARG C 174 -21.50 -12.71 7.87
CA ARG C 174 -22.67 -12.20 8.63
C ARG C 174 -23.87 -13.09 8.34
N ASN C 175 -24.65 -13.35 9.40
CA ASN C 175 -25.97 -14.01 9.30
C ASN C 175 -26.85 -13.41 10.40
N SER C 176 -28.15 -13.70 10.36
CA SER C 176 -29.14 -13.11 11.29
C SER C 176 -30.37 -14.00 11.38
N PHE C 177 -31.10 -13.88 12.48
CA PHE C 177 -32.37 -14.59 12.76
C PHE C 177 -33.20 -13.69 13.67
N GLU C 178 -34.52 -13.74 13.54
CA GLU C 178 -35.45 -13.07 14.49
C GLU C 178 -35.42 -13.84 15.81
N VAL C 179 -35.69 -13.16 16.92
CA VAL C 179 -35.79 -13.80 18.27
C VAL C 179 -37.07 -13.31 18.95
N ARG C 180 -37.81 -14.25 19.53
CA ARG C 180 -38.87 -13.96 20.53
C ARG C 180 -38.46 -14.65 21.83
N VAL C 181 -38.22 -13.87 22.88
CA VAL C 181 -37.97 -14.39 24.25
C VAL C 181 -39.35 -14.48 24.93
N CYS C 182 -39.81 -15.69 25.24
CA CYS C 182 -41.18 -15.96 25.73
C CYS C 182 -41.18 -17.12 26.73
N ALA C 183 -42.31 -17.32 27.42
CA ALA C 183 -42.47 -18.30 28.53
C ALA C 183 -42.57 -19.73 27.95
N CYS C 184 -43.25 -19.89 26.81
N CYS C 184 -43.25 -19.88 26.80
CA CYS C 184 -43.51 -21.20 26.16
CA CYS C 184 -43.54 -21.19 26.16
C CYS C 184 -43.11 -21.15 24.69
C CYS C 184 -43.11 -21.16 24.69
N PRO C 185 -41.80 -21.28 24.39
CA PRO C 185 -41.33 -21.24 22.99
C PRO C 185 -42.04 -22.22 22.05
N GLY C 186 -42.25 -23.46 22.49
CA GLY C 186 -42.94 -24.52 21.73
C GLY C 186 -44.31 -24.06 21.25
N ARG C 187 -45.18 -23.71 22.20
CA ARG C 187 -46.57 -23.25 21.91
C ARG C 187 -46.53 -22.00 21.03
N ASP C 188 -45.67 -21.03 21.36
CA ASP C 188 -45.60 -19.75 20.61
C ASP C 188 -45.14 -20.03 19.18
N ARG C 189 -44.16 -20.92 18.98
CA ARG C 189 -43.69 -21.29 17.61
C ARG C 189 -44.85 -21.91 16.83
N ARG C 190 -45.50 -22.92 17.41
CA ARG C 190 -46.59 -23.69 16.72
C ARG C 190 -47.72 -22.72 16.33
N THR C 191 -48.07 -21.78 17.22
CA THR C 191 -49.13 -20.77 17.01
C THR C 191 -48.73 -19.81 15.87
N GLU C 192 -47.50 -19.30 15.87
CA GLU C 192 -47.00 -18.35 14.84
C GLU C 192 -46.93 -19.03 13.47
N GLU C 193 -46.67 -20.35 13.42
CA GLU C 193 -46.58 -21.12 12.15
C GLU C 193 -47.98 -21.48 11.64
N GLU C 194 -49.00 -21.44 12.52
CA GLU C 194 -50.39 -21.89 12.24
C GLU C 194 -50.98 -21.12 11.06
N ASN C 195 -50.76 -19.81 11.01
CA ASN C 195 -51.38 -18.88 10.03
C ASN C 195 -50.77 -19.12 8.64
N LEU C 196 -49.54 -19.67 8.56
CA LEU C 196 -48.80 -19.91 7.29
C LEU C 196 -49.64 -20.81 6.39
N SER D 3 12.64 -1.51 -11.73
CA SER D 3 13.03 -2.70 -12.52
C SER D 3 11.96 -3.79 -12.40
N VAL D 4 12.10 -4.85 -13.20
CA VAL D 4 11.33 -6.12 -13.09
C VAL D 4 12.31 -7.27 -13.21
N PRO D 5 12.41 -8.17 -12.20
CA PRO D 5 13.27 -9.35 -12.30
C PRO D 5 12.83 -10.23 -13.47
N SER D 6 13.78 -10.81 -14.20
CA SER D 6 13.53 -11.75 -15.32
C SER D 6 12.73 -12.95 -14.79
N GLN D 7 11.70 -13.39 -15.54
CA GLN D 7 10.92 -14.61 -15.23
C GLN D 7 11.06 -15.63 -16.37
N LYS D 8 11.95 -15.39 -17.33
CA LYS D 8 12.24 -16.32 -18.46
C LYS D 8 12.73 -17.66 -17.90
N THR D 9 12.05 -18.75 -18.26
CA THR D 9 12.48 -20.14 -17.96
C THR D 9 13.87 -20.37 -18.58
N TYR D 10 14.78 -20.91 -17.78
CA TYR D 10 16.12 -21.39 -18.20
C TYR D 10 16.49 -22.61 -17.36
N GLN D 11 16.55 -23.79 -17.97
CA GLN D 11 16.97 -25.05 -17.30
C GLN D 11 18.48 -25.00 -17.06
N GLY D 12 19.23 -24.33 -17.94
CA GLY D 12 20.68 -24.08 -17.80
C GLY D 12 21.50 -25.36 -17.69
N SER D 13 22.69 -25.26 -17.11
CA SER D 13 23.75 -26.30 -17.12
C SER D 13 23.27 -27.58 -16.44
N TYR D 14 22.51 -27.47 -15.34
CA TYR D 14 22.15 -28.60 -14.45
C TYR D 14 20.76 -29.16 -14.80
N GLY D 15 20.16 -28.73 -15.91
CA GLY D 15 18.84 -29.20 -16.37
C GLY D 15 17.80 -29.01 -15.27
N PHE D 16 17.74 -27.80 -14.71
CA PHE D 16 16.90 -27.44 -13.55
C PHE D 16 15.45 -27.28 -13.99
N ARG D 17 14.54 -28.05 -13.39
CA ARG D 17 13.07 -27.83 -13.51
C ARG D 17 12.39 -28.12 -12.17
N LEU D 18 11.13 -27.69 -12.05
CA LEU D 18 10.31 -27.82 -10.82
C LEU D 18 9.37 -29.02 -10.99
N GLY D 19 9.12 -29.72 -9.88
CA GLY D 19 8.07 -30.75 -9.76
C GLY D 19 7.14 -30.43 -8.61
N PHE D 20 5.91 -30.94 -8.66
CA PHE D 20 4.87 -30.76 -7.63
C PHE D 20 4.25 -32.13 -7.35
N LEU D 21 3.87 -32.40 -6.11
CA LEU D 21 3.16 -33.64 -5.72
C LEU D 21 1.86 -33.71 -6.53
N HIS D 22 1.47 -34.93 -6.96
CA HIS D 22 0.18 -35.20 -7.64
C HIS D 22 -0.87 -35.39 -6.55
N SER D 23 -1.27 -34.27 -5.92
CA SER D 23 -2.01 -34.22 -4.63
C SER D 23 -3.51 -34.41 -4.82
N GLY D 24 -4.04 -34.14 -6.03
CA GLY D 24 -5.49 -34.12 -6.30
C GLY D 24 -6.16 -32.92 -5.63
N THR D 25 -7.49 -32.92 -5.54
CA THR D 25 -8.31 -31.72 -5.17
C THR D 25 -9.32 -32.06 -4.06
N ALA D 26 -9.08 -33.08 -3.25
CA ALA D 26 -9.91 -33.41 -2.06
C ALA D 26 -9.90 -32.19 -1.13
N LYS D 27 -10.97 -31.99 -0.35
CA LYS D 27 -11.14 -30.75 0.46
C LYS D 27 -10.02 -30.65 1.49
N SER D 28 -9.46 -31.79 1.92
CA SER D 28 -8.37 -31.87 2.94
C SER D 28 -7.03 -31.34 2.40
N VAL D 29 -6.85 -31.28 1.07
N VAL D 29 -6.87 -31.26 1.08
CA VAL D 29 -5.54 -30.91 0.45
CA VAL D 29 -5.57 -30.90 0.42
C VAL D 29 -5.24 -29.45 0.77
C VAL D 29 -5.23 -29.43 0.74
N THR D 30 -4.01 -29.20 1.22
CA THR D 30 -3.49 -27.90 1.71
C THR D 30 -2.83 -27.14 0.54
N CYS D 31 -2.32 -27.89 -0.42
CA CYS D 31 -1.53 -27.43 -1.59
C CYS D 31 -1.80 -28.40 -2.75
N THR D 32 -2.30 -27.90 -3.87
CA THR D 32 -2.55 -28.70 -5.10
C THR D 32 -2.09 -27.89 -6.32
N TYR D 33 -1.34 -28.53 -7.21
CA TYR D 33 -0.77 -27.92 -8.42
C TYR D 33 -1.55 -28.39 -9.65
N SER D 34 -1.92 -27.44 -10.52
CA SER D 34 -2.60 -27.68 -11.82
C SER D 34 -1.57 -27.66 -12.95
N PRO D 35 -1.18 -28.83 -13.50
CA PRO D 35 -0.33 -28.87 -14.69
C PRO D 35 -0.87 -28.05 -15.87
N ALA D 36 -2.20 -28.08 -16.10
CA ALA D 36 -2.87 -27.40 -17.23
C ALA D 36 -2.66 -25.88 -17.12
N LEU D 37 -2.67 -25.34 -15.90
CA LEU D 37 -2.58 -23.89 -15.63
C LEU D 37 -1.16 -23.48 -15.21
N ASN D 38 -0.28 -24.45 -14.93
CA ASN D 38 1.03 -24.23 -14.26
C ASN D 38 0.80 -23.33 -13.05
N LYS D 39 -0.13 -23.72 -12.18
CA LYS D 39 -0.65 -22.86 -11.08
C LYS D 39 -0.79 -23.69 -9.80
N MET D 40 -0.22 -23.17 -8.71
CA MET D 40 -0.32 -23.75 -7.35
C MET D 40 -1.48 -23.08 -6.62
N PHE D 41 -2.38 -23.89 -6.07
CA PHE D 41 -3.50 -23.46 -5.19
C PHE D 41 -3.14 -23.93 -3.77
N CYS D 42 -3.06 -23.01 -2.82
CA CYS D 42 -2.60 -23.34 -1.44
C CYS D 42 -3.31 -22.47 -0.40
N GLN D 43 -3.42 -23.00 0.81
CA GLN D 43 -4.01 -22.30 1.99
C GLN D 43 -2.94 -21.44 2.65
N LEU D 44 -3.37 -20.30 3.19
CA LEU D 44 -2.57 -19.37 4.02
C LEU D 44 -1.78 -20.18 5.07
N ALA D 45 -0.46 -20.03 5.09
CA ALA D 45 0.47 -20.46 6.17
C ALA D 45 0.62 -21.99 6.20
N LYS D 46 0.16 -22.71 5.18
CA LYS D 46 0.24 -24.20 5.14
C LYS D 46 1.38 -24.65 4.23
N THR D 47 1.86 -25.89 4.43
CA THR D 47 3.02 -26.51 3.75
C THR D 47 2.76 -26.58 2.24
N CYS D 48 3.64 -25.98 1.43
CA CYS D 48 3.64 -26.05 -0.05
C CYS D 48 4.91 -26.73 -0.53
N PRO D 49 4.90 -28.06 -0.73
CA PRO D 49 6.07 -28.77 -1.23
C PRO D 49 6.35 -28.40 -2.70
N VAL D 50 7.55 -27.91 -2.97
CA VAL D 50 8.08 -27.61 -4.33
C VAL D 50 9.32 -28.48 -4.52
N GLN D 51 9.36 -29.27 -5.59
CA GLN D 51 10.46 -30.22 -5.89
C GLN D 51 11.44 -29.55 -6.85
N LEU D 52 12.75 -29.72 -6.61
CA LEU D 52 13.85 -29.31 -7.52
C LEU D 52 14.37 -30.57 -8.23
N TRP D 53 14.24 -30.62 -9.55
CA TRP D 53 14.74 -31.72 -10.41
C TRP D 53 15.96 -31.24 -11.19
N VAL D 54 17.07 -31.98 -11.14
CA VAL D 54 18.32 -31.64 -11.86
C VAL D 54 18.83 -32.89 -12.58
N ASP D 55 19.39 -32.71 -13.79
CA ASP D 55 20.04 -33.77 -14.60
C ASP D 55 21.45 -34.05 -14.03
N SER D 56 22.04 -33.07 -13.34
CA SER D 56 23.37 -33.21 -12.68
C SER D 56 23.39 -32.38 -11.38
N THR D 57 24.08 -32.90 -10.35
CA THR D 57 24.16 -32.28 -9.00
C THR D 57 24.90 -30.95 -9.10
N PRO D 58 24.29 -29.83 -8.66
CA PRO D 58 25.02 -28.57 -8.55
C PRO D 58 26.09 -28.69 -7.47
N PRO D 59 27.18 -27.87 -7.53
CA PRO D 59 28.27 -28.00 -6.58
C PRO D 59 27.88 -27.57 -5.16
N PRO D 60 28.72 -27.86 -4.14
CA PRO D 60 28.46 -27.39 -2.78
C PRO D 60 28.34 -25.87 -2.73
N GLY D 61 27.44 -25.36 -1.88
CA GLY D 61 27.23 -23.91 -1.67
C GLY D 61 26.22 -23.33 -2.64
N THR D 62 25.62 -24.15 -3.51
CA THR D 62 24.52 -23.75 -4.43
C THR D 62 23.33 -23.32 -3.59
N ARG D 63 22.58 -22.30 -4.02
CA ARG D 63 21.45 -21.72 -3.24
C ARG D 63 20.18 -21.69 -4.11
N VAL D 64 19.02 -21.77 -3.45
CA VAL D 64 17.68 -21.81 -4.09
C VAL D 64 16.89 -20.62 -3.54
N ARG D 65 16.54 -19.67 -4.41
CA ARG D 65 15.84 -18.41 -4.05
C ARG D 65 14.41 -18.49 -4.58
N ALA D 66 13.44 -18.04 -3.79
CA ALA D 66 12.03 -17.84 -4.19
C ALA D 66 11.70 -16.35 -4.09
N MET D 67 10.95 -15.84 -5.06
CA MET D 67 10.50 -14.42 -5.13
C MET D 67 9.13 -14.39 -5.80
N ALA D 68 8.18 -13.64 -5.22
CA ALA D 68 6.84 -13.39 -5.78
C ALA D 68 6.89 -12.14 -6.65
N ILE D 69 6.26 -12.17 -7.83
CA ILE D 69 6.02 -10.97 -8.67
C ILE D 69 4.59 -11.01 -9.20
N TYR D 70 3.95 -9.85 -9.38
CA TYR D 70 2.61 -9.76 -10.02
C TYR D 70 2.71 -10.25 -11.46
N LYS D 71 1.75 -11.05 -11.90
CA LYS D 71 1.74 -11.72 -13.23
C LYS D 71 1.45 -10.67 -14.31
N GLN D 72 0.52 -9.76 -14.04
CA GLN D 72 -0.01 -8.75 -15.02
C GLN D 72 1.03 -7.64 -15.22
N SER D 73 1.23 -7.23 -16.48
CA SER D 73 2.21 -6.20 -16.91
CA SER D 73 2.21 -6.20 -16.91
C SER D 73 2.02 -4.89 -16.13
N GLN D 74 0.77 -4.48 -15.93
CA GLN D 74 0.41 -3.16 -15.32
C GLN D 74 0.75 -3.14 -13.83
N HIS D 75 1.01 -4.30 -13.20
CA HIS D 75 1.31 -4.42 -11.75
C HIS D 75 2.72 -4.96 -11.49
N MET D 76 3.49 -5.29 -12.53
CA MET D 76 4.77 -6.05 -12.44
C MET D 76 5.81 -5.30 -11.58
N THR D 77 5.84 -3.97 -11.67
CA THR D 77 6.86 -3.11 -11.00
C THR D 77 6.50 -2.91 -9.52
N GLU D 78 5.29 -3.32 -9.08
CA GLU D 78 4.87 -3.21 -7.66
C GLU D 78 5.44 -4.38 -6.87
N VAL D 79 6.10 -4.11 -5.74
CA VAL D 79 6.70 -5.14 -4.84
C VAL D 79 5.55 -5.94 -4.21
N VAL D 80 5.59 -7.27 -4.36
CA VAL D 80 4.62 -8.20 -3.70
C VAL D 80 4.97 -8.28 -2.22
N ARG D 81 4.04 -7.90 -1.34
CA ARG D 81 4.22 -7.93 0.12
C ARG D 81 2.91 -8.32 0.79
N ARG D 82 2.97 -8.70 2.06
CA ARG D 82 1.77 -9.00 2.89
C ARG D 82 0.98 -7.71 3.09
N CYS D 83 -0.35 -7.83 3.22
CA CYS D 83 -1.26 -6.71 3.53
C CYS D 83 -0.93 -6.17 4.92
N PRO D 84 -1.34 -4.92 5.26
CA PRO D 84 -1.12 -4.38 6.60
C PRO D 84 -1.57 -5.32 7.73
N HIS D 85 -2.76 -5.93 7.58
CA HIS D 85 -3.36 -6.84 8.60
C HIS D 85 -2.41 -8.01 8.89
N HIS D 86 -2.03 -8.76 7.85
CA HIS D 86 -1.22 -10.01 7.99
C HIS D 86 0.20 -9.67 8.47
N GLU D 87 0.74 -8.53 8.05
CA GLU D 87 2.08 -8.03 8.50
C GLU D 87 2.08 -7.89 10.03
N ARG D 88 0.94 -7.52 10.63
CA ARG D 88 0.78 -7.22 12.08
C ARG D 88 0.37 -8.48 12.85
N CYS D 89 -0.01 -9.57 12.15
CA CYS D 89 -0.37 -10.87 12.79
C CYS D 89 0.81 -11.36 13.62
N SER D 90 0.55 -11.97 14.78
CA SER D 90 1.58 -12.54 15.68
C SER D 90 1.87 -13.99 15.25
N ASP D 91 2.50 -14.15 14.09
CA ASP D 91 2.79 -15.48 13.46
C ASP D 91 4.28 -15.58 13.13
N SER D 92 5.11 -14.78 13.81
CA SER D 92 6.58 -14.72 13.59
C SER D 92 7.20 -16.09 13.93
N ASP D 93 8.18 -16.53 13.14
CA ASP D 93 8.97 -17.75 13.40
C ASP D 93 10.37 -17.34 13.92
N GLY D 94 10.60 -16.04 14.10
CA GLY D 94 11.87 -15.47 14.59
C GLY D 94 12.90 -15.23 13.48
N LEU D 95 12.60 -15.64 12.25
CA LEU D 95 13.56 -15.58 11.12
C LEU D 95 13.00 -14.72 9.98
N ALA D 96 11.76 -14.97 9.56
CA ALA D 96 11.08 -14.25 8.44
C ALA D 96 10.78 -12.81 8.84
N PRO D 97 11.10 -11.81 7.98
CA PRO D 97 10.54 -10.46 8.14
C PRO D 97 9.02 -10.53 8.08
N PRO D 98 8.30 -9.74 8.93
CA PRO D 98 6.84 -9.80 8.95
C PRO D 98 6.15 -9.37 7.65
N GLN D 99 6.85 -8.64 6.77
CA GLN D 99 6.32 -8.13 5.48
C GLN D 99 6.37 -9.20 4.37
N HIS D 100 7.22 -10.23 4.52
CA HIS D 100 7.52 -11.23 3.46
C HIS D 100 6.35 -12.19 3.24
N LEU D 101 5.86 -12.27 2.00
CA LEU D 101 4.79 -13.21 1.60
C LEU D 101 5.28 -14.66 1.74
N ILE D 102 6.44 -14.98 1.19
CA ILE D 102 6.95 -16.38 1.08
C ILE D 102 7.95 -16.66 2.21
N ARG D 103 7.69 -17.70 3.01
CA ARG D 103 8.63 -18.25 4.01
C ARG D 103 9.02 -19.66 3.58
N VAL D 104 10.14 -20.15 4.12
CA VAL D 104 10.50 -21.60 4.11
C VAL D 104 10.29 -22.12 5.53
N GLU D 105 9.60 -23.25 5.69
CA GLU D 105 9.37 -23.90 7.00
C GLU D 105 10.34 -25.09 7.14
N GLY D 106 10.79 -25.37 8.36
CA GLY D 106 11.61 -26.55 8.71
C GLY D 106 13.03 -26.48 8.16
N ASN D 107 13.61 -25.29 8.03
CA ASN D 107 15.02 -25.11 7.58
C ASN D 107 15.66 -23.95 8.37
N LEU D 108 16.53 -24.28 9.34
CA LEU D 108 17.21 -23.28 10.22
C LEU D 108 18.26 -22.48 9.47
N ARG D 109 18.61 -22.86 8.22
CA ARG D 109 19.64 -22.18 7.40
C ARG D 109 18.96 -21.23 6.40
N VAL D 110 17.65 -21.01 6.52
CA VAL D 110 16.87 -20.08 5.66
C VAL D 110 17.46 -18.67 5.82
N GLU D 111 17.48 -17.91 4.73
CA GLU D 111 18.00 -16.52 4.63
C GLU D 111 16.96 -15.65 3.93
N TYR D 112 16.69 -14.48 4.48
CA TYR D 112 15.66 -13.52 3.96
C TYR D 112 16.39 -12.27 3.49
N LEU D 113 16.00 -11.77 2.31
CA LEU D 113 16.59 -10.57 1.67
C LEU D 113 15.48 -9.54 1.42
N ASP D 114 15.70 -8.33 1.92
CA ASP D 114 15.14 -7.06 1.35
C ASP D 114 16.22 -6.51 0.42
N ASP D 115 16.02 -6.56 -0.89
CA ASP D 115 16.99 -6.01 -1.87
C ASP D 115 17.14 -4.51 -1.61
N ARG D 116 18.38 -4.03 -1.43
CA ARG D 116 18.62 -2.63 -1.01
C ARG D 116 18.23 -1.67 -2.15
N ASN D 117 18.21 -2.14 -3.41
CA ASN D 117 18.01 -1.29 -4.61
C ASN D 117 16.60 -1.48 -5.20
N THR D 118 16.12 -2.74 -5.32
CA THR D 118 14.80 -3.06 -5.92
C THR D 118 13.69 -3.12 -4.86
N PHE D 119 14.05 -3.29 -3.58
CA PHE D 119 13.13 -3.39 -2.41
C PHE D 119 12.32 -4.70 -2.48
N ARG D 120 12.67 -5.60 -3.41
CA ARG D 120 12.00 -6.91 -3.61
C ARG D 120 12.37 -7.83 -2.44
N HIS D 121 11.39 -8.64 -2.01
CA HIS D 121 11.55 -9.69 -0.96
C HIS D 121 11.90 -11.01 -1.63
N SER D 122 12.83 -11.75 -1.05
CA SER D 122 13.13 -13.15 -1.48
C SER D 122 13.59 -13.96 -0.27
N VAL D 123 13.46 -15.28 -0.38
CA VAL D 123 13.85 -16.26 0.67
C VAL D 123 14.72 -17.30 -0.02
N VAL D 124 15.86 -17.60 0.58
CA VAL D 124 16.89 -18.48 -0.05
C VAL D 124 17.29 -19.53 0.98
N VAL D 125 17.55 -20.75 0.50
CA VAL D 125 18.05 -21.89 1.34
C VAL D 125 19.23 -22.51 0.60
N PRO D 126 20.12 -23.22 1.32
CA PRO D 126 21.14 -24.04 0.70
C PRO D 126 20.48 -25.16 -0.13
N TYR D 127 20.94 -25.37 -1.35
CA TYR D 127 20.58 -26.57 -2.15
C TYR D 127 21.21 -27.79 -1.48
N GLU D 128 20.38 -28.80 -1.17
CA GLU D 128 20.83 -30.13 -0.67
C GLU D 128 20.45 -31.16 -1.72
N PRO D 129 21.36 -32.09 -2.10
CA PRO D 129 21.01 -33.16 -3.04
C PRO D 129 19.86 -34.00 -2.49
N PRO D 130 19.08 -34.69 -3.34
CA PRO D 130 18.05 -35.60 -2.86
C PRO D 130 18.68 -36.60 -1.88
N GLU D 131 18.01 -36.89 -0.75
CA GLU D 131 18.47 -37.89 0.24
C GLU D 131 18.29 -39.30 -0.35
N VAL D 132 19.03 -40.26 0.19
CA VAL D 132 19.07 -41.68 -0.28
C VAL D 132 17.64 -42.25 -0.28
N GLY D 133 17.09 -42.51 -1.46
CA GLY D 133 15.73 -43.04 -1.67
C GLY D 133 14.78 -41.96 -2.19
N SER D 134 15.32 -40.86 -2.70
CA SER D 134 14.57 -39.72 -3.31
C SER D 134 15.26 -39.29 -4.62
N ASP D 135 14.47 -38.85 -5.60
CA ASP D 135 14.94 -38.47 -6.97
C ASP D 135 14.97 -36.94 -7.12
N CYS D 136 14.46 -36.19 -6.15
CA CYS D 136 14.41 -34.70 -6.19
C CYS D 136 14.58 -34.11 -4.78
N THR D 137 14.91 -32.82 -4.73
CA THR D 137 15.01 -32.01 -3.49
C THR D 137 13.67 -31.30 -3.28
N THR D 138 13.09 -31.41 -2.09
CA THR D 138 11.80 -30.74 -1.73
C THR D 138 12.09 -29.57 -0.79
N ILE D 139 11.52 -28.41 -1.09
CA ILE D 139 11.46 -27.25 -0.16
C ILE D 139 10.00 -27.07 0.24
N HIS D 140 9.75 -26.85 1.54
CA HIS D 140 8.42 -26.55 2.11
C HIS D 140 8.27 -25.04 2.24
N TYR D 141 7.54 -24.43 1.30
CA TYR D 141 7.19 -22.98 1.30
C TYR D 141 5.88 -22.77 2.06
N ASN D 142 5.75 -21.57 2.65
CA ASN D 142 4.49 -21.03 3.24
C ASN D 142 4.20 -19.67 2.61
N TYR D 143 2.96 -19.44 2.17
CA TYR D 143 2.45 -18.13 1.70
C TYR D 143 1.57 -17.54 2.80
N MET D 144 1.90 -16.32 3.24
CA MET D 144 1.48 -15.75 4.55
C MET D 144 0.46 -14.62 4.36
N CYS D 145 -0.20 -14.58 3.21
CA CYS D 145 -1.24 -13.57 2.86
C CYS D 145 -2.10 -14.17 1.74
N ASN D 146 -3.40 -13.90 1.74
CA ASN D 146 -4.36 -14.45 0.74
C ASN D 146 -4.32 -13.60 -0.53
N SER D 147 -4.54 -14.24 -1.69
CA SER D 147 -4.67 -13.56 -3.01
C SER D 147 -5.72 -12.44 -2.92
N SER D 148 -6.80 -12.66 -2.16
CA SER D 148 -7.99 -11.77 -2.10
C SER D 148 -7.75 -10.57 -1.17
N CYS D 149 -6.68 -10.58 -0.38
CA CYS D 149 -6.44 -9.60 0.70
C CYS D 149 -6.49 -8.16 0.15
N MET D 150 -7.50 -7.40 0.56
CA MET D 150 -7.53 -5.93 0.38
C MET D 150 -6.35 -5.35 1.19
N GLY D 151 -5.61 -4.42 0.58
CA GLY D 151 -4.40 -3.81 1.17
C GLY D 151 -3.12 -4.51 0.71
N GLY D 152 -3.25 -5.65 0.01
CA GLY D 152 -2.12 -6.43 -0.52
C GLY D 152 -2.31 -6.82 -1.97
N MET D 153 -2.26 -8.12 -2.27
CA MET D 153 -2.39 -8.65 -3.65
C MET D 153 -3.76 -8.28 -4.23
N ASN D 154 -4.82 -8.28 -3.41
CA ASN D 154 -6.16 -7.74 -3.76
C ASN D 154 -6.67 -8.40 -5.05
N ARG D 155 -6.59 -9.74 -5.11
CA ARG D 155 -7.12 -10.62 -6.20
C ARG D 155 -6.22 -10.56 -7.45
N ARG D 156 -5.10 -9.83 -7.42
CA ARG D 156 -4.16 -9.80 -8.56
C ARG D 156 -3.33 -11.09 -8.54
N PRO D 157 -3.25 -11.83 -9.66
CA PRO D 157 -2.45 -13.05 -9.72
C PRO D 157 -0.94 -12.78 -9.58
N ILE D 158 -0.22 -13.70 -8.95
CA ILE D 158 1.27 -13.61 -8.75
C ILE D 158 1.92 -14.87 -9.32
N LEU D 159 3.18 -14.72 -9.75
CA LEU D 159 4.10 -15.83 -10.03
C LEU D 159 5.08 -15.92 -8.86
N THR D 160 5.48 -17.14 -8.52
CA THR D 160 6.70 -17.45 -7.74
C THR D 160 7.80 -17.80 -8.75
N ILE D 161 8.90 -17.05 -8.72
CA ILE D 161 10.14 -17.36 -9.50
C ILE D 161 11.08 -18.13 -8.59
N ILE D 162 11.47 -19.34 -9.00
CA ILE D 162 12.51 -20.16 -8.32
C ILE D 162 13.79 -20.09 -9.16
N THR D 163 14.87 -19.59 -8.57
CA THR D 163 16.20 -19.43 -9.22
C THR D 163 17.21 -20.29 -8.47
N LEU D 164 18.05 -21.00 -9.21
CA LEU D 164 19.24 -21.73 -8.68
C LEU D 164 20.44 -20.82 -8.91
N GLU D 165 21.19 -20.49 -7.85
CA GLU D 165 22.41 -19.64 -7.90
C GLU D 165 23.56 -20.39 -7.25
N ASP D 166 24.80 -20.19 -7.72
CA ASP D 166 26.01 -20.74 -7.04
C ASP D 166 26.32 -19.85 -5.83
N SER D 167 27.35 -20.22 -5.05
CA SER D 167 27.76 -19.53 -3.81
C SER D 167 28.19 -18.08 -4.08
N SER D 168 28.46 -17.71 -5.34
CA SER D 168 28.93 -16.36 -5.75
C SER D 168 27.78 -15.52 -6.33
N GLY D 169 26.55 -16.06 -6.38
CA GLY D 169 25.36 -15.34 -6.89
C GLY D 169 25.17 -15.49 -8.39
N ASN D 170 25.99 -16.31 -9.07
CA ASN D 170 25.83 -16.56 -10.53
C ASN D 170 24.55 -17.36 -10.76
N LEU D 171 23.68 -16.86 -11.64
CA LEU D 171 22.41 -17.51 -12.03
C LEU D 171 22.71 -18.82 -12.78
N LEU D 172 22.20 -19.95 -12.26
CA LEU D 172 22.37 -21.30 -12.85
C LEU D 172 21.13 -21.69 -13.64
N GLY D 173 19.93 -21.45 -13.08
CA GLY D 173 18.64 -21.87 -13.69
C GLY D 173 17.48 -21.07 -13.12
N ARG D 174 16.37 -20.98 -13.87
CA ARG D 174 15.16 -20.24 -13.44
C ARG D 174 13.91 -20.95 -13.95
N ASN D 175 12.92 -21.14 -13.06
CA ASN D 175 11.57 -21.63 -13.39
C ASN D 175 10.55 -20.78 -12.63
N SER D 176 9.27 -20.90 -12.99
CA SER D 176 8.18 -20.13 -12.36
C SER D 176 6.87 -20.93 -12.39
N PHE D 177 5.96 -20.60 -11.49
CA PHE D 177 4.57 -21.08 -11.47
C PHE D 177 3.67 -19.98 -10.90
N GLU D 178 2.43 -19.91 -11.37
CA GLU D 178 1.39 -19.01 -10.83
C GLU D 178 0.99 -19.54 -9.45
N VAL D 179 0.58 -18.65 -8.54
CA VAL D 179 0.11 -19.04 -7.19
C VAL D 179 -1.18 -18.29 -6.86
N ARG D 180 -2.15 -19.03 -6.31
N ARG D 180 -2.15 -19.02 -6.30
CA ARG D 180 -3.38 -18.49 -5.67
CA ARG D 180 -3.37 -18.47 -5.68
C ARG D 180 -3.41 -18.99 -4.23
C ARG D 180 -3.44 -18.99 -4.23
N VAL D 181 -3.34 -18.07 -3.26
CA VAL D 181 -3.46 -18.39 -1.81
C VAL D 181 -4.93 -18.15 -1.46
N CYS D 182 -5.65 -19.20 -1.06
CA CYS D 182 -7.13 -19.20 -0.98
C CYS D 182 -7.60 -20.21 0.07
N ALA D 183 -8.87 -20.09 0.51
CA ALA D 183 -9.47 -20.89 1.58
C ALA D 183 -9.66 -22.35 1.16
N CYS D 184 -10.04 -22.61 -0.09
N CYS D 184 -10.06 -22.60 -0.09
CA CYS D 184 -10.37 -23.96 -0.62
CA CYS D 184 -10.36 -23.95 -0.64
C CYS D 184 -9.59 -24.23 -1.91
C CYS D 184 -9.58 -24.20 -1.93
N PRO D 185 -8.28 -24.56 -1.82
CA PRO D 185 -7.46 -24.82 -3.00
C PRO D 185 -8.02 -25.88 -3.99
N GLY D 186 -8.57 -26.97 -3.47
CA GLY D 186 -9.13 -28.08 -4.29
C GLY D 186 -10.27 -27.60 -5.16
N ARG D 187 -11.27 -26.95 -4.55
CA ARG D 187 -12.46 -26.41 -5.26
C ARG D 187 -12.00 -25.35 -6.27
N ASP D 188 -11.08 -24.47 -5.90
CA ASP D 188 -10.65 -23.33 -6.75
C ASP D 188 -9.89 -23.87 -7.97
N ARG D 189 -9.06 -24.90 -7.80
CA ARG D 189 -8.35 -25.56 -8.94
C ARG D 189 -9.40 -26.14 -9.90
N ARG D 190 -10.36 -26.94 -9.39
CA ARG D 190 -11.45 -27.53 -10.22
C ARG D 190 -12.14 -26.42 -11.02
N THR D 191 -12.49 -25.31 -10.36
CA THR D 191 -13.22 -24.18 -10.98
C THR D 191 -12.39 -23.56 -12.11
N GLU D 192 -11.10 -23.30 -11.87
CA GLU D 192 -10.23 -22.60 -12.84
C GLU D 192 -9.95 -23.52 -14.04
N GLU D 193 -9.90 -24.84 -13.82
CA GLU D 193 -9.68 -25.84 -14.91
C GLU D 193 -10.95 -26.01 -15.75
N GLU D 194 -12.13 -25.75 -15.16
CA GLU D 194 -13.44 -25.85 -15.84
C GLU D 194 -13.52 -24.80 -16.95
N ASN D 195 -12.86 -23.65 -16.76
CA ASN D 195 -12.95 -22.48 -17.68
C ASN D 195 -12.07 -22.69 -18.92
N LEU D 196 -11.27 -23.77 -18.96
CA LEU D 196 -10.48 -24.18 -20.17
C LEU D 196 -11.43 -24.82 -21.19
#